data_3L44
#
_entry.id   3L44
#
_cell.length_a   75.84
_cell.length_b   93.92
_cell.length_c   105.64
_cell.angle_alpha   90.0
_cell.angle_beta   90.0
_cell.angle_gamma   90.0
#
_symmetry.space_group_name_H-M   'P 21 21 21'
#
loop_
_entity.id
_entity.type
_entity.pdbx_description
1 polymer 'Glutamate-1-semialdehyde 2,1-aminomutase 1'
2 water water
#
_entity_poly.entity_id   1
_entity_poly.type   'polypeptide(L)'
_entity_poly.pdbx_seq_one_letter_code
;(MSE)VVKFTKSEALHKEALEHIVGGVNSPSRSFKAVGGGAPIA(MSE)ERGKGAYFWDVDGNKYIDYLAAYGPIITGHA
HPHITKAITTAAENGVLYGTPTALEVKFAK(MSE)LKEA(MSE)PALDKVRFVNSGTEAV(MSE)TTIRVARAYTGRTKI
(MSE)KFAGCYHGHSDLVLVAAGSGPSTLGTPDSAGVPQSIAQEVITVPFNNVETLKEALDKWGHEVAAILVEPIVGNFG
IVEPKPGFLEKVNELVHEAGALVIYDEVITAFRF(MSE)YGGAQDLLGVTPDLTALG(LLP)VIGGGLPIGAYGGKKEI
(MSE)EQVAPLGPAYQAGT(MSE)AGNPAS(MSE)ASGIACLEVLQQEGLYEKLDELGATLEKGILEQAAKHNIDITLNR
LKGALTVYFTTNTIEDYDAAQDTDGE(MSE)FGKFFKL(MSE)LQEGVNLAPSKYEAWFLTTEHTKEDIEYTIEAVGRAF
AALADNK
;
_entity_poly.pdbx_strand_id   A,B
#
# COMPACT_ATOMS: atom_id res chain seq x y z
N MSE A 1 -16.88 -34.25 3.53
CA MSE A 1 -17.94 -35.16 4.07
C MSE A 1 -19.07 -34.36 4.72
O MSE A 1 -19.89 -33.76 4.03
CB MSE A 1 -17.32 -36.15 5.06
CG MSE A 1 -16.14 -36.95 4.50
SE MSE A 1 -14.48 -35.91 4.39
CE MSE A 1 -13.31 -37.27 3.61
N VAL A 2 -19.09 -34.33 6.06
CA VAL A 2 -20.13 -33.61 6.79
C VAL A 2 -20.07 -32.10 6.52
N VAL A 3 -18.85 -31.56 6.50
CA VAL A 3 -18.65 -30.14 6.21
C VAL A 3 -18.49 -29.98 4.70
N LYS A 4 -19.47 -29.34 4.06
CA LYS A 4 -19.48 -29.17 2.61
C LYS A 4 -19.00 -27.79 2.14
N PHE A 5 -18.36 -27.76 0.98
CA PHE A 5 -17.75 -26.54 0.44
C PHE A 5 -18.27 -26.21 -0.96
N THR A 6 -19.45 -26.72 -1.28
CA THR A 6 -20.02 -26.55 -2.62
C THR A 6 -19.94 -25.11 -3.11
N LYS A 7 -20.40 -24.19 -2.27
CA LYS A 7 -20.43 -22.78 -2.64
C LYS A 7 -19.04 -22.13 -2.74
N SER A 8 -18.09 -22.55 -1.91
CA SER A 8 -16.72 -22.07 -2.10
C SER A 8 -16.14 -22.58 -3.41
N GLU A 9 -16.52 -23.81 -3.80
CA GLU A 9 -16.05 -24.39 -5.04
C GLU A 9 -16.60 -23.68 -6.29
N ALA A 10 -17.89 -23.37 -6.28
CA ALA A 10 -18.50 -22.61 -7.37
C ALA A 10 -17.91 -21.19 -7.48
N LEU A 11 -17.72 -20.54 -6.34
CA LEU A 11 -17.10 -19.21 -6.31
C LEU A 11 -15.66 -19.22 -6.81
N HIS A 12 -14.87 -20.22 -6.40
CA HIS A 12 -13.50 -20.30 -6.88
C HIS A 12 -13.46 -20.48 -8.39
N LYS A 13 -14.39 -21.26 -8.93
CA LYS A 13 -14.52 -21.49 -10.37
C LYS A 13 -14.76 -20.17 -11.11
N GLU A 14 -15.63 -19.33 -10.55
CA GLU A 14 -15.90 -18.00 -11.09
C GLU A 14 -14.68 -17.09 -10.90
N ALA A 15 -14.11 -17.06 -9.69
CA ALA A 15 -12.94 -16.22 -9.42
C ALA A 15 -11.81 -16.46 -10.43
N LEU A 16 -11.55 -17.73 -10.73
CA LEU A 16 -10.51 -18.12 -11.68
C LEU A 16 -10.58 -17.38 -13.01
N GLU A 17 -11.81 -17.08 -13.44
CA GLU A 17 -12.04 -16.39 -14.71
C GLU A 17 -11.66 -14.91 -14.67
N HIS A 18 -11.62 -14.32 -13.47
CA HIS A 18 -11.52 -12.86 -13.37
C HIS A 18 -10.30 -12.40 -12.61
N ILE A 19 -9.80 -13.25 -11.72
CA ILE A 19 -8.68 -12.92 -10.85
C ILE A 19 -7.60 -13.98 -11.02
N VAL A 20 -6.35 -13.59 -11.19
CA VAL A 20 -5.32 -14.57 -11.53
C VAL A 20 -5.24 -15.63 -10.44
N GLY A 21 -5.45 -16.88 -10.82
CA GLY A 21 -5.41 -17.99 -9.87
C GLY A 21 -6.52 -17.93 -8.85
N GLY A 22 -7.42 -16.96 -9.02
CA GLY A 22 -8.59 -16.87 -8.16
C GLY A 22 -8.36 -16.29 -6.78
N VAL A 23 -7.15 -15.75 -6.54
CA VAL A 23 -6.83 -15.15 -5.24
C VAL A 23 -6.01 -13.91 -5.47
N ASN A 24 -6.00 -13.01 -4.49
CA ASN A 24 -5.18 -11.80 -4.56
C ASN A 24 -3.88 -11.89 -3.75
N SER A 25 -3.67 -13.04 -3.12
CA SER A 25 -2.36 -13.37 -2.56
C SER A 25 -2.15 -14.85 -2.77
N PRO A 26 -0.93 -15.23 -3.16
CA PRO A 26 -0.72 -16.65 -3.34
C PRO A 26 -0.86 -17.39 -2.00
N SER A 27 -0.68 -16.67 -0.89
CA SER A 27 -0.86 -17.29 0.43
C SER A 27 -2.22 -17.96 0.58
N ARG A 28 -3.22 -17.44 -0.13
CA ARG A 28 -4.61 -17.82 0.09
C ARG A 28 -5.09 -18.99 -0.75
N SER A 29 -4.29 -19.35 -1.75
CA SER A 29 -4.50 -20.55 -2.52
C SER A 29 -4.25 -21.74 -1.60
N PHE A 30 -4.92 -22.85 -1.89
CA PHE A 30 -4.75 -24.08 -1.14
C PHE A 30 -3.63 -24.90 -1.80
N LYS A 31 -2.80 -24.24 -2.59
CA LYS A 31 -1.73 -24.89 -3.33
C LYS A 31 -0.75 -25.62 -2.41
N ALA A 32 -0.38 -24.99 -1.31
CA ALA A 32 0.59 -25.60 -0.38
C ALA A 32 0.00 -26.80 0.40
N VAL A 33 -1.32 -26.91 0.44
CA VAL A 33 -1.95 -27.99 1.21
C VAL A 33 -2.69 -29.02 0.36
N GLY A 34 -2.23 -29.22 -0.88
CA GLY A 34 -2.76 -30.29 -1.71
C GLY A 34 -3.68 -29.85 -2.83
N GLY A 35 -3.95 -28.55 -2.88
CA GLY A 35 -4.80 -27.96 -3.91
C GLY A 35 -6.27 -27.92 -3.51
N GLY A 36 -7.12 -27.63 -4.48
CA GLY A 36 -8.56 -27.53 -4.25
C GLY A 36 -8.97 -26.07 -4.16
N ALA A 37 -10.28 -25.83 -4.13
CA ALA A 37 -10.79 -24.48 -3.98
C ALA A 37 -10.54 -23.98 -2.56
N PRO A 38 -10.06 -22.73 -2.43
CA PRO A 38 -9.98 -22.21 -1.05
C PRO A 38 -11.38 -21.94 -0.49
N ILE A 39 -11.50 -21.88 0.83
CA ILE A 39 -12.77 -21.60 1.47
C ILE A 39 -12.99 -20.11 1.44
N ALA A 40 -14.10 -19.69 0.85
CA ALA A 40 -14.43 -18.26 0.80
C ALA A 40 -15.23 -17.89 2.05
N MSE A 41 -14.81 -16.83 2.74
CA MSE A 41 -15.48 -16.44 3.99
C MSE A 41 -16.55 -15.39 3.73
O MSE A 41 -16.40 -14.56 2.83
CB MSE A 41 -14.48 -15.95 5.04
CG MSE A 41 -13.53 -17.06 5.49
SE MSE A 41 -14.40 -18.64 6.21
CE MSE A 41 -15.50 -17.83 7.57
N GLU A 42 -17.64 -15.46 4.50
CA GLU A 42 -18.75 -14.54 4.31
C GLU A 42 -18.81 -13.50 5.40
N ARG A 43 -18.38 -13.87 6.60
CA ARG A 43 -18.38 -12.91 7.69
CA ARG A 43 -18.55 -13.00 7.77
C ARG A 43 -17.56 -13.41 8.86
N GLY A 44 -17.09 -12.45 9.64
CA GLY A 44 -16.26 -12.74 10.81
C GLY A 44 -16.87 -12.05 12.00
N LYS A 45 -16.89 -12.72 13.15
CA LYS A 45 -17.29 -12.08 14.40
C LYS A 45 -16.50 -12.69 15.54
N GLY A 46 -15.72 -11.85 16.21
CA GLY A 46 -14.88 -12.32 17.32
C GLY A 46 -13.91 -13.39 16.85
N ALA A 47 -13.89 -14.51 17.56
CA ALA A 47 -12.97 -15.60 17.23
C ALA A 47 -13.46 -16.46 16.06
N TYR A 48 -14.63 -16.13 15.51
CA TYR A 48 -15.32 -17.03 14.57
C TYR A 48 -15.43 -16.52 13.13
N PHE A 49 -15.35 -17.48 12.20
CA PHE A 49 -15.58 -17.27 10.77
C PHE A 49 -16.82 -18.01 10.35
N TRP A 50 -17.57 -17.46 9.39
CA TRP A 50 -18.55 -18.27 8.66
C TRP A 50 -18.18 -18.27 7.21
N ASP A 51 -18.17 -19.44 6.57
CA ASP A 51 -17.89 -19.46 5.14
C ASP A 51 -19.16 -19.22 4.33
N VAL A 52 -19.03 -19.25 3.01
CA VAL A 52 -20.16 -18.98 2.13
C VAL A 52 -21.16 -20.12 2.12
N ASP A 53 -20.73 -21.28 2.63
CA ASP A 53 -21.60 -22.43 2.75
C ASP A 53 -22.30 -22.48 4.11
N GLY A 54 -22.06 -21.47 4.94
CA GLY A 54 -22.72 -21.36 6.23
C GLY A 54 -22.00 -22.08 7.38
N ASN A 55 -20.89 -22.73 7.08
CA ASN A 55 -20.09 -23.41 8.09
C ASN A 55 -19.38 -22.44 9.03
N LYS A 56 -19.42 -22.74 10.33
CA LYS A 56 -18.78 -21.93 11.33
C LYS A 56 -17.39 -22.45 11.70
N TYR A 57 -16.42 -21.55 11.89
CA TYR A 57 -15.07 -21.98 12.25
C TYR A 57 -14.55 -21.16 13.42
N ILE A 58 -13.79 -21.79 14.30
CA ILE A 58 -12.86 -21.04 15.17
C ILE A 58 -11.64 -20.68 14.32
N ASP A 59 -11.30 -19.39 14.26
CA ASP A 59 -10.26 -18.90 13.35
C ASP A 59 -8.91 -18.73 14.04
N TYR A 60 -7.85 -19.28 13.44
CA TYR A 60 -6.48 -19.04 13.91
C TYR A 60 -5.63 -18.34 12.86
N LEU A 61 -6.24 -18.08 11.71
CA LEU A 61 -5.55 -17.38 10.62
C LEU A 61 -5.22 -15.92 10.96
N ALA A 62 -6.17 -15.21 11.56
CA ALA A 62 -5.94 -13.82 11.95
C ALA A 62 -5.53 -12.99 10.73
N ALA A 63 -6.03 -13.41 9.55
CA ALA A 63 -5.69 -12.79 8.27
C ALA A 63 -4.18 -12.68 8.07
N TYR A 64 -3.47 -13.73 8.47
CA TYR A 64 -2.01 -13.79 8.42
C TYR A 64 -1.31 -12.78 9.32
N GLY A 65 -1.97 -12.33 10.39
CA GLY A 65 -1.27 -11.50 11.36
C GLY A 65 -1.92 -10.26 11.93
N PRO A 66 -2.74 -9.54 11.14
CA PRO A 66 -3.20 -8.31 11.76
C PRO A 66 -4.28 -8.52 12.80
N ILE A 67 -5.02 -9.62 12.76
CA ILE A 67 -6.18 -9.70 13.66
C ILE A 67 -5.79 -10.17 15.06
N ILE A 68 -6.03 -9.32 16.06
CA ILE A 68 -5.77 -9.71 17.44
C ILE A 68 -6.94 -9.34 18.37
N THR A 69 -7.81 -8.43 17.92
CA THR A 69 -8.99 -8.05 18.67
C THR A 69 -10.19 -8.85 18.18
N GLY A 70 -9.92 -9.87 17.37
CA GLY A 70 -11.01 -10.61 16.77
C GLY A 70 -11.62 -9.86 15.61
N HIS A 71 -12.50 -10.53 14.87
CA HIS A 71 -13.18 -9.90 13.74
C HIS A 71 -14.22 -8.92 14.23
N ALA A 72 -14.22 -7.71 13.66
CA ALA A 72 -15.27 -6.73 13.92
C ALA A 72 -15.42 -6.40 15.41
N HIS A 73 -14.32 -6.09 16.10
CA HIS A 73 -14.42 -5.70 17.48
C HIS A 73 -15.21 -4.39 17.54
N PRO A 74 -16.23 -4.31 18.42
CA PRO A 74 -17.12 -3.13 18.39
C PRO A 74 -16.40 -1.77 18.54
N HIS A 75 -15.30 -1.74 19.30
CA HIS A 75 -14.56 -0.50 19.54
C HIS A 75 -13.91 0.01 18.24
N ILE A 76 -13.42 -0.93 17.44
CA ILE A 76 -12.85 -0.60 16.14
C ILE A 76 -13.96 -0.27 15.15
N THR A 77 -15.01 -1.09 15.12
CA THR A 77 -16.10 -0.88 14.18
C THR A 77 -16.68 0.54 14.31
N LYS A 78 -16.91 0.99 15.54
CA LYS A 78 -17.44 2.33 15.72
C LYS A 78 -16.48 3.42 15.21
N ALA A 79 -15.17 3.19 15.35
CA ALA A 79 -14.21 4.17 14.88
C ALA A 79 -14.22 4.24 13.37
N ILE A 80 -14.28 3.08 12.74
CA ILE A 80 -14.30 3.06 11.28
C ILE A 80 -15.55 3.74 10.75
N THR A 81 -16.69 3.49 11.39
CA THR A 81 -17.94 4.09 10.93
C THR A 81 -17.90 5.62 11.07
N THR A 82 -17.47 6.08 12.24
CA THR A 82 -17.38 7.52 12.48
C THR A 82 -16.48 8.17 11.45
N ALA A 83 -15.35 7.52 11.17
CA ALA A 83 -14.42 7.98 10.17
C ALA A 83 -15.07 8.03 8.79
N ALA A 84 -15.86 7.02 8.43
CA ALA A 84 -16.50 7.06 7.13
C ALA A 84 -17.48 8.22 7.06
N GLU A 85 -18.25 8.41 8.13
CA GLU A 85 -19.21 9.50 8.14
C GLU A 85 -18.54 10.89 8.01
N ASN A 86 -17.29 10.99 8.45
CA ASN A 86 -16.59 12.27 8.46
C ASN A 86 -15.60 12.46 7.33
N GLY A 87 -15.54 11.45 6.46
CA GLY A 87 -14.64 11.44 5.30
C GLY A 87 -13.42 10.61 5.60
N VAL A 88 -13.08 9.67 4.72
CA VAL A 88 -12.06 8.68 5.04
C VAL A 88 -10.69 9.02 4.47
N LEU A 89 -10.63 10.04 3.62
CA LEU A 89 -9.41 10.38 2.91
C LEU A 89 -9.40 11.86 2.57
N TYR A 90 -8.42 12.60 3.09
CA TYR A 90 -8.39 14.05 2.93
C TYR A 90 -7.24 14.55 2.07
N GLY A 91 -6.05 13.96 2.23
CA GLY A 91 -4.86 14.47 1.58
C GLY A 91 -4.28 15.70 2.25
N THR A 92 -4.67 15.94 3.51
CA THR A 92 -4.10 17.01 4.33
C THR A 92 -3.73 16.38 5.67
N PRO A 93 -2.96 17.09 6.50
CA PRO A 93 -2.68 16.63 7.86
C PRO A 93 -3.97 16.62 8.69
N THR A 94 -3.98 15.90 9.80
CA THR A 94 -5.15 15.79 10.67
C THR A 94 -4.68 15.57 12.08
N ALA A 95 -5.57 15.79 13.03
CA ALA A 95 -5.18 15.62 14.43
C ALA A 95 -4.95 14.14 14.73
N LEU A 96 -5.66 13.27 14.01
CA LEU A 96 -5.55 11.83 14.25
C LEU A 96 -4.16 11.26 13.94
N GLU A 97 -3.51 11.75 12.89
CA GLU A 97 -2.15 11.30 12.61
C GLU A 97 -1.22 11.61 13.79
N VAL A 98 -1.35 12.80 14.36
CA VAL A 98 -0.49 13.18 15.48
C VAL A 98 -0.78 12.34 16.71
N LYS A 99 -2.07 12.12 16.97
CA LYS A 99 -2.48 11.30 18.09
C LYS A 99 -1.94 9.88 17.97
N PHE A 100 -2.10 9.26 16.81
CA PHE A 100 -1.66 7.89 16.63
C PHE A 100 -0.13 7.80 16.69
N ALA A 101 0.55 8.76 16.07
CA ALA A 101 2.00 8.83 16.15
C ALA A 101 2.48 8.85 17.59
N LYS A 102 1.82 9.64 18.44
CA LYS A 102 2.22 9.70 19.84
C LYS A 102 2.01 8.38 20.53
N MSE A 103 0.92 7.69 20.19
CA MSE A 103 0.62 6.42 20.84
C MSE A 103 1.67 5.37 20.51
O MSE A 103 2.10 4.63 21.38
CB MSE A 103 -0.77 5.92 20.45
CG MSE A 103 -1.88 6.67 21.17
SE MSE A 103 -3.63 6.16 20.49
CE MSE A 103 -3.73 4.40 21.20
N LEU A 104 2.06 5.31 19.23
CA LEU A 104 3.12 4.40 18.84
C LEU A 104 4.42 4.70 19.57
N LYS A 105 4.78 5.99 19.67
CA LYS A 105 6.01 6.39 20.35
C LYS A 105 5.98 6.06 21.84
N GLU A 106 4.79 6.15 22.42
CA GLU A 106 4.58 5.84 23.82
C GLU A 106 4.78 4.34 24.05
N ALA A 107 4.25 3.53 23.13
CA ALA A 107 4.39 2.08 23.23
C ALA A 107 5.81 1.62 22.90
N MSE A 108 6.48 2.37 22.03
CA MSE A 108 7.76 1.95 21.51
C MSE A 108 8.72 3.12 21.52
O MSE A 108 8.94 3.75 20.48
CB MSE A 108 7.60 1.39 20.09
CG MSE A 108 6.65 0.22 19.99
SE MSE A 108 6.44 -0.48 18.17
CE MSE A 108 8.27 -0.97 17.80
N PRO A 109 9.29 3.42 22.70
CA PRO A 109 10.07 4.61 22.98
C PRO A 109 11.28 4.84 22.07
N ALA A 110 11.73 3.81 21.37
CA ALA A 110 12.86 3.96 20.47
C ALA A 110 12.48 4.66 19.16
N LEU A 111 11.19 4.88 18.94
CA LEU A 111 10.76 5.66 17.78
C LEU A 111 10.79 7.14 18.15
N ASP A 112 11.76 7.88 17.61
CA ASP A 112 11.82 9.33 17.85
C ASP A 112 10.76 10.03 16.99
N LYS A 113 10.70 9.59 15.74
CA LYS A 113 9.71 10.09 14.79
C LYS A 113 9.20 8.90 13.99
N VAL A 114 7.98 9.03 13.47
CA VAL A 114 7.37 8.01 12.62
C VAL A 114 6.74 8.63 11.36
N ARG A 115 6.59 7.82 10.32
CA ARG A 115 5.80 8.19 9.16
C ARG A 115 4.85 7.05 8.84
N PHE A 116 3.68 7.37 8.31
CA PHE A 116 2.72 6.33 7.97
C PHE A 116 2.76 6.07 6.47
N VAL A 117 2.56 4.82 6.10
CA VAL A 117 2.47 4.44 4.70
C VAL A 117 1.28 3.50 4.62
N ASN A 118 1.11 2.81 3.50
CA ASN A 118 -0.10 2.01 3.31
C ASN A 118 0.01 0.51 3.45
N SER A 119 1.22 -0.02 3.63
CA SER A 119 1.38 -1.46 3.77
C SER A 119 2.69 -1.77 4.45
N GLY A 120 2.84 -2.98 4.96
CA GLY A 120 4.12 -3.38 5.53
C GLY A 120 5.20 -3.35 4.45
N THR A 121 4.80 -3.73 3.23
CA THR A 121 5.73 -3.76 2.11
C THR A 121 6.31 -2.37 1.82
N GLU A 122 5.46 -1.35 1.86
CA GLU A 122 5.91 0.04 1.68
C GLU A 122 6.79 0.52 2.83
N ALA A 123 6.41 0.16 4.05
CA ALA A 123 7.19 0.52 5.21
C ALA A 123 8.58 -0.10 5.09
N VAL A 124 8.66 -1.39 4.77
CA VAL A 124 9.97 -2.03 4.57
C VAL A 124 10.81 -1.38 3.45
N MSE A 125 10.23 -1.22 2.26
CA MSE A 125 11.02 -0.63 1.16
C MSE A 125 11.49 0.78 1.48
O MSE A 125 12.54 1.24 1.00
CB MSE A 125 10.29 -0.70 -0.18
CG MSE A 125 8.85 -0.28 -0.19
SE MSE A 125 8.00 -0.45 -1.97
CE MSE A 125 8.48 1.26 -2.64
N THR A 126 10.72 1.51 2.28
CA THR A 126 11.12 2.85 2.67
C THR A 126 12.30 2.83 3.65
N THR A 127 12.29 1.88 4.59
CA THR A 127 13.39 1.83 5.57
C THR A 127 14.71 1.53 4.87
N ILE A 128 14.64 0.73 3.82
CA ILE A 128 15.82 0.42 3.02
C ILE A 128 16.34 1.66 2.31
N ARG A 129 15.44 2.38 1.66
CA ARG A 129 15.82 3.62 0.98
C ARG A 129 16.48 4.56 1.96
N VAL A 130 15.82 4.78 3.09
CA VAL A 130 16.34 5.64 4.14
C VAL A 130 17.71 5.18 4.68
N ALA A 131 17.87 3.88 4.86
CA ALA A 131 19.14 3.31 5.32
C ALA A 131 20.22 3.60 4.29
N ARG A 132 19.89 3.37 3.03
CA ARG A 132 20.81 3.63 1.93
C ARG A 132 21.16 5.11 1.84
N ALA A 133 20.16 5.99 2.01
CA ALA A 133 20.42 7.45 1.99
C ALA A 133 21.33 7.86 3.14
N TYR A 134 21.09 7.30 4.31
CA TYR A 134 21.82 7.71 5.49
C TYR A 134 23.28 7.28 5.48
N THR A 135 23.52 6.05 5.06
CA THR A 135 24.87 5.49 5.10
C THR A 135 25.65 5.80 3.84
N GLY A 136 24.93 6.12 2.77
CA GLY A 136 25.54 6.30 1.47
C GLY A 136 25.99 4.98 0.85
N ARG A 137 25.45 3.87 1.33
CA ARG A 137 25.79 2.54 0.81
C ARG A 137 24.58 1.83 0.19
N THR A 138 24.82 0.74 -0.55
CA THR A 138 23.78 0.16 -1.40
C THR A 138 23.31 -1.25 -1.03
N LYS A 139 24.19 -2.07 -0.47
CA LYS A 139 23.85 -3.47 -0.21
C LYS A 139 22.90 -3.63 0.98
N ILE A 140 22.00 -4.61 0.89
CA ILE A 140 21.10 -4.94 1.98
C ILE A 140 21.33 -6.40 2.38
N MSE A 141 21.40 -6.66 3.67
CA MSE A 141 21.54 -8.02 4.19
C MSE A 141 20.23 -8.48 4.84
O MSE A 141 19.50 -7.67 5.41
CB MSE A 141 22.68 -8.09 5.20
CG MSE A 141 23.07 -9.49 5.67
SE MSE A 141 24.86 -9.46 6.49
CE MSE A 141 25.82 -8.57 5.07
N LYS A 142 19.94 -9.76 4.73
CA LYS A 142 18.76 -10.33 5.37
C LYS A 142 19.00 -11.81 5.66
N PHE A 143 18.08 -12.40 6.41
CA PHE A 143 18.15 -13.81 6.77
C PHE A 143 17.29 -14.70 5.88
N ALA A 144 17.81 -15.88 5.60
CA ALA A 144 17.19 -16.85 4.69
C ALA A 144 15.79 -17.24 5.18
N GLY A 145 14.82 -17.17 4.27
CA GLY A 145 13.46 -17.65 4.55
C GLY A 145 12.54 -16.57 5.10
N CYS A 146 13.13 -15.51 5.64
CA CYS A 146 12.36 -14.43 6.23
C CYS A 146 11.62 -13.64 5.15
N TYR A 147 10.46 -13.10 5.49
CA TYR A 147 9.64 -12.42 4.49
C TYR A 147 9.54 -10.94 4.84
N HIS A 148 9.74 -10.08 3.85
CA HIS A 148 9.75 -8.64 4.11
C HIS A 148 8.86 -7.86 3.16
N GLY A 149 7.81 -8.52 2.64
CA GLY A 149 6.93 -7.88 1.67
C GLY A 149 7.24 -8.26 0.23
N HIS A 150 6.61 -7.59 -0.72
CA HIS A 150 6.69 -8.04 -2.12
C HIS A 150 7.31 -7.02 -3.08
N SER A 151 8.23 -6.20 -2.54
CA SER A 151 9.08 -5.33 -3.36
C SER A 151 10.29 -6.11 -3.86
N ASP A 152 10.88 -5.69 -4.98
CA ASP A 152 11.86 -6.50 -5.72
C ASP A 152 13.02 -7.00 -4.85
N LEU A 153 13.62 -6.09 -4.11
CA LEU A 153 14.85 -6.42 -3.39
C LEU A 153 14.66 -7.59 -2.41
N VAL A 154 13.55 -7.58 -1.68
CA VAL A 154 13.30 -8.59 -0.67
C VAL A 154 12.73 -9.88 -1.27
N LEU A 155 12.54 -9.89 -2.58
CA LEU A 155 12.09 -11.09 -3.27
C LEU A 155 13.27 -11.88 -3.84
N VAL A 156 14.48 -11.44 -3.50
CA VAL A 156 15.70 -12.13 -3.90
C VAL A 156 16.00 -13.26 -2.92
N ALA A 157 16.27 -14.46 -3.44
CA ALA A 157 16.59 -15.60 -2.59
C ALA A 157 17.94 -15.40 -1.90
N LEU A 165 27.01 -10.69 -3.03
CA LEU A 165 25.93 -10.72 -4.00
C LEU A 165 25.07 -11.97 -3.85
N GLY A 166 23.79 -11.86 -4.21
CA GLY A 166 22.85 -12.98 -4.15
C GLY A 166 22.10 -13.16 -5.46
N THR A 167 21.15 -14.09 -5.49
CA THR A 167 20.34 -14.34 -6.69
C THR A 167 18.85 -14.48 -6.36
N PRO A 168 17.97 -13.82 -7.16
CA PRO A 168 16.53 -13.69 -6.86
C PRO A 168 15.74 -15.00 -7.00
N ASP A 169 14.58 -15.06 -6.34
CA ASP A 169 13.69 -16.22 -6.47
C ASP A 169 12.34 -15.88 -7.08
N SER A 170 12.09 -14.58 -7.30
CA SER A 170 10.92 -14.20 -8.09
C SER A 170 11.32 -13.87 -9.53
N ALA A 171 10.53 -14.39 -10.47
CA ALA A 171 10.67 -14.01 -11.86
C ALA A 171 10.37 -12.52 -11.97
N GLY A 172 11.01 -11.86 -12.93
CA GLY A 172 10.81 -10.44 -13.12
C GLY A 172 11.65 -9.54 -12.24
N VAL A 173 12.50 -10.13 -11.41
CA VAL A 173 13.45 -9.35 -10.60
C VAL A 173 14.85 -9.47 -11.21
N PRO A 174 15.39 -8.35 -11.71
CA PRO A 174 16.65 -8.32 -12.46
C PRO A 174 17.87 -8.67 -11.63
N GLN A 175 18.92 -9.11 -12.30
CA GLN A 175 20.19 -9.41 -11.65
C GLN A 175 20.77 -8.16 -11.00
N SER A 176 20.56 -7.00 -11.60
CA SER A 176 21.04 -5.77 -11.00
C SER A 176 20.50 -5.56 -9.59
N ILE A 177 19.32 -6.10 -9.31
CA ILE A 177 18.77 -6.00 -7.96
C ILE A 177 19.39 -7.06 -7.06
N ALA A 178 19.43 -8.29 -7.55
CA ALA A 178 19.98 -9.41 -6.79
C ALA A 178 21.42 -9.15 -6.32
N GLN A 179 22.19 -8.42 -7.11
CA GLN A 179 23.57 -8.11 -6.76
C GLN A 179 23.68 -7.23 -5.50
N GLU A 180 22.57 -6.61 -5.09
CA GLU A 180 22.57 -5.69 -3.96
C GLU A 180 22.21 -6.39 -2.64
N VAL A 181 21.88 -7.67 -2.73
CA VAL A 181 21.34 -8.40 -1.58
C VAL A 181 22.29 -9.50 -1.11
N ILE A 182 22.48 -9.59 0.21
CA ILE A 182 23.22 -10.69 0.82
C ILE A 182 22.31 -11.44 1.80
N THR A 183 22.21 -12.76 1.64
CA THR A 183 21.30 -13.55 2.47
C THR A 183 22.06 -14.57 3.29
N VAL A 184 21.85 -14.56 4.61
CA VAL A 184 22.52 -15.48 5.53
C VAL A 184 21.53 -16.16 6.48
N PRO A 185 21.86 -17.38 6.96
CA PRO A 185 20.94 -18.12 7.82
C PRO A 185 20.54 -17.38 9.10
N PHE A 186 19.26 -17.44 9.46
CA PHE A 186 18.79 -16.88 10.73
C PHE A 186 19.45 -17.64 11.88
N ASN A 187 19.63 -16.96 13.01
CA ASN A 187 20.17 -17.60 14.22
C ASN A 187 21.58 -18.15 14.10
N ASN A 188 22.35 -17.69 13.12
CA ASN A 188 23.71 -18.19 12.93
C ASN A 188 24.74 -17.07 12.94
N VAL A 189 25.54 -17.01 14.00
CA VAL A 189 26.47 -15.91 14.21
C VAL A 189 27.69 -15.99 13.30
N GLU A 190 28.19 -17.19 13.07
CA GLU A 190 29.40 -17.39 12.25
C GLU A 190 29.20 -16.94 10.79
N THR A 191 28.07 -17.29 10.19
CA THR A 191 27.81 -16.92 8.80
C THR A 191 27.54 -15.43 8.71
N LEU A 192 27.00 -14.86 9.77
CA LEU A 192 26.78 -13.43 9.86
C LEU A 192 28.11 -12.67 9.87
N LYS A 193 29.00 -13.03 10.80
CA LYS A 193 30.32 -12.40 10.88
C LYS A 193 31.09 -12.54 9.57
N GLU A 194 31.00 -13.72 8.97
CA GLU A 194 31.67 -14.01 7.70
C GLU A 194 31.18 -13.09 6.57
N ALA A 195 29.87 -12.86 6.52
CA ALA A 195 29.31 -11.97 5.50
C ALA A 195 29.72 -10.51 5.72
N LEU A 196 29.65 -10.05 6.96
CA LEU A 196 30.00 -8.66 7.27
C LEU A 196 31.49 -8.39 7.08
N ASP A 197 32.31 -9.41 7.26
CA ASP A 197 33.75 -9.26 7.06
C ASP A 197 34.08 -8.94 5.60
N LYS A 198 33.46 -9.67 4.68
CA LYS A 198 33.68 -9.44 3.25
C LYS A 198 33.04 -8.14 2.80
N TRP A 199 31.73 -8.04 3.06
CA TRP A 199 30.90 -7.04 2.39
C TRP A 199 30.44 -5.89 3.28
N GLY A 200 30.78 -5.95 4.57
CA GLY A 200 30.28 -4.97 5.53
C GLY A 200 30.40 -3.51 5.10
N HIS A 201 31.48 -3.17 4.41
CA HIS A 201 31.73 -1.78 4.03
C HIS A 201 30.80 -1.28 2.93
N GLU A 202 30.07 -2.19 2.30
CA GLU A 202 29.13 -1.80 1.24
C GLU A 202 27.68 -1.95 1.69
N VAL A 203 27.49 -2.57 2.85
CA VAL A 203 26.15 -2.84 3.38
C VAL A 203 25.52 -1.63 4.06
N ALA A 204 24.37 -1.21 3.55
CA ALA A 204 23.61 -0.13 4.15
C ALA A 204 22.91 -0.60 5.43
N ALA A 205 22.31 -1.78 5.38
CA ALA A 205 21.55 -2.26 6.53
C ALA A 205 21.34 -3.75 6.48
N ILE A 206 21.02 -4.31 7.64
CA ILE A 206 20.45 -5.65 7.70
C ILE A 206 18.97 -5.51 8.02
N LEU A 207 18.16 -6.37 7.39
CA LEU A 207 16.75 -6.51 7.76
C LEU A 207 16.62 -7.75 8.62
N VAL A 208 15.91 -7.60 9.73
CA VAL A 208 15.71 -8.66 10.72
C VAL A 208 14.24 -8.74 11.10
N GLU A 209 13.64 -9.93 11.05
CA GLU A 209 12.38 -10.17 11.78
C GLU A 209 12.83 -10.56 13.17
N PRO A 210 12.68 -9.67 14.15
CA PRO A 210 13.36 -9.94 15.44
C PRO A 210 12.85 -11.22 16.09
N ILE A 211 11.58 -11.53 15.84
CA ILE A 211 11.02 -12.83 16.10
C ILE A 211 10.41 -13.20 14.76
N VAL A 212 10.86 -14.31 14.19
CA VAL A 212 10.39 -14.74 12.88
C VAL A 212 8.95 -15.22 12.97
N GLY A 213 8.16 -14.87 11.95
CA GLY A 213 6.77 -15.33 11.85
C GLY A 213 6.49 -16.04 10.54
N ASN A 214 7.47 -16.04 9.64
CA ASN A 214 7.24 -16.42 8.26
C ASN A 214 7.82 -17.78 7.81
N PHE A 215 8.48 -18.48 8.73
CA PHE A 215 8.65 -19.93 8.52
C PHE A 215 8.19 -20.61 9.79
N GLY A 216 6.97 -20.24 10.19
CA GLY A 216 6.43 -20.57 11.49
C GLY A 216 6.98 -19.55 12.45
N ILE A 217 6.56 -19.62 13.71
CA ILE A 217 7.16 -18.82 14.78
C ILE A 217 8.56 -19.33 15.14
N VAL A 218 9.57 -18.47 15.10
CA VAL A 218 10.92 -18.87 15.53
C VAL A 218 11.62 -17.73 16.26
N GLU A 219 11.95 -17.97 17.52
CA GLU A 219 12.59 -16.94 18.34
C GLU A 219 14.08 -16.86 18.05
N PRO A 220 14.67 -15.69 18.27
CA PRO A 220 16.12 -15.61 18.13
C PRO A 220 16.77 -16.35 19.29
N LYS A 221 17.91 -17.02 19.04
CA LYS A 221 18.64 -17.66 20.12
C LYS A 221 19.08 -16.59 21.11
N PRO A 222 19.40 -16.99 22.35
CA PRO A 222 19.90 -16.06 23.36
C PRO A 222 21.13 -15.29 22.87
N GLY A 223 21.13 -13.97 23.05
CA GLY A 223 22.27 -13.14 22.66
C GLY A 223 22.36 -12.82 21.17
N PHE A 224 21.56 -13.50 20.35
CA PHE A 224 21.68 -13.35 18.89
C PHE A 224 21.35 -11.95 18.36
N LEU A 225 20.28 -11.34 18.86
CA LEU A 225 19.91 -10.01 18.38
C LEU A 225 20.97 -8.99 18.80
N GLU A 226 21.45 -9.10 20.04
CA GLU A 226 22.51 -8.21 20.52
C GLU A 226 23.80 -8.39 19.71
N LYS A 227 24.04 -9.61 19.24
CA LYS A 227 25.20 -9.86 18.41
C LYS A 227 25.02 -9.23 17.03
N VAL A 228 23.79 -9.27 16.53
CA VAL A 228 23.47 -8.62 15.26
C VAL A 228 23.77 -7.14 15.34
N ASN A 229 23.28 -6.48 16.38
CA ASN A 229 23.58 -5.06 16.60
C ASN A 229 25.08 -4.80 16.69
N GLU A 230 25.77 -5.67 17.41
CA GLU A 230 27.20 -5.50 17.62
C GLU A 230 27.96 -5.57 16.31
N LEU A 231 27.78 -6.65 15.56
CA LEU A 231 28.57 -6.87 14.35
C LEU A 231 28.21 -5.91 13.22
N VAL A 232 26.96 -5.50 13.19
CA VAL A 232 26.45 -4.68 12.09
C VAL A 232 26.85 -3.24 12.29
N HIS A 233 26.69 -2.77 13.52
CA HIS A 233 27.08 -1.40 13.85
C HIS A 233 28.56 -1.19 13.68
N GLU A 234 29.36 -2.21 13.97
CA GLU A 234 30.80 -2.03 13.86
C GLU A 234 31.21 -2.03 12.39
N ALA A 235 30.32 -2.50 11.52
CA ALA A 235 30.60 -2.45 10.08
C ALA A 235 30.14 -1.11 9.47
N GLY A 236 29.50 -0.28 10.28
CA GLY A 236 29.00 1.01 9.81
C GLY A 236 27.64 0.91 9.14
N ALA A 237 26.98 -0.23 9.32
CA ALA A 237 25.65 -0.40 8.78
C ALA A 237 24.56 -0.19 9.85
N LEU A 238 23.33 -0.05 9.40
CA LEU A 238 22.17 0.10 10.27
C LEU A 238 21.40 -1.21 10.41
N VAL A 239 20.67 -1.33 11.52
CA VAL A 239 19.81 -2.48 11.76
C VAL A 239 18.35 -2.06 11.62
N ILE A 240 17.63 -2.69 10.70
CA ILE A 240 16.19 -2.47 10.55
C ILE A 240 15.42 -3.65 11.13
N TYR A 241 14.57 -3.41 12.13
CA TYR A 241 13.67 -4.46 12.57
C TYR A 241 12.42 -4.40 11.75
N ASP A 242 12.11 -5.48 11.05
CA ASP A 242 10.84 -5.59 10.37
C ASP A 242 9.89 -6.13 11.44
N GLU A 243 9.16 -5.23 12.10
CA GLU A 243 8.18 -5.64 13.11
C GLU A 243 6.74 -5.63 12.58
N VAL A 244 6.56 -5.83 11.29
CA VAL A 244 5.20 -5.82 10.72
C VAL A 244 4.27 -6.87 11.37
N ILE A 245 4.82 -8.03 11.70
CA ILE A 245 4.08 -9.02 12.47
C ILE A 245 4.21 -8.80 13.98
N THR A 246 5.44 -8.69 14.46
CA THR A 246 5.68 -8.72 15.89
C THR A 246 5.07 -7.57 16.72
N ALA A 247 5.05 -6.36 16.19
CA ALA A 247 4.61 -5.26 17.04
C ALA A 247 3.17 -5.45 17.48
N PHE A 248 2.93 -5.26 18.77
CA PHE A 248 1.62 -5.39 19.40
C PHE A 248 1.02 -6.80 19.40
N ARG A 249 1.79 -7.78 18.95
CA ARG A 249 1.35 -9.17 18.98
C ARG A 249 1.69 -9.89 20.30
N PHE A 250 2.79 -9.50 20.93
CA PHE A 250 3.35 -10.23 22.07
C PHE A 250 3.27 -9.45 23.37
N MSE A 251 3.26 -8.13 23.26
CA MSE A 251 3.04 -7.27 24.39
C MSE A 251 2.56 -5.98 23.77
O MSE A 251 2.51 -5.85 22.55
CB MSE A 251 4.35 -7.02 25.14
CG MSE A 251 5.38 -6.26 24.30
SE MSE A 251 6.85 -5.64 25.42
CE MSE A 251 5.89 -4.48 26.65
N TYR A 252 2.23 -5.00 24.61
CA TYR A 252 1.83 -3.71 24.12
C TYR A 252 3.11 -2.94 23.79
N GLY A 253 3.61 -3.15 22.58
CA GLY A 253 4.91 -2.65 22.17
C GLY A 253 5.49 -3.65 21.19
N GLY A 254 6.76 -3.48 20.84
CA GLY A 254 7.39 -4.34 19.83
C GLY A 254 8.22 -5.45 20.44
N ALA A 255 8.70 -6.36 19.59
CA ALA A 255 9.70 -7.33 20.01
C ALA A 255 10.93 -6.63 20.59
N GLN A 256 11.23 -5.45 20.06
CA GLN A 256 12.37 -4.68 20.55
C GLN A 256 12.16 -4.27 22.02
N ASP A 257 10.90 -4.05 22.40
CA ASP A 257 10.59 -3.67 23.79
C ASP A 257 10.53 -4.90 24.68
N LEU A 258 10.03 -5.99 24.11
CA LEU A 258 9.95 -7.28 24.80
C LEU A 258 11.32 -7.90 25.05
N LEU A 259 12.19 -7.84 24.05
CA LEU A 259 13.49 -8.50 24.13
C LEU A 259 14.56 -7.51 24.59
N GLY A 260 14.22 -6.24 24.62
CA GLY A 260 15.14 -5.22 25.09
C GLY A 260 16.34 -5.00 24.19
N VAL A 261 16.13 -5.13 22.89
CA VAL A 261 17.18 -4.78 21.93
C VAL A 261 16.64 -3.78 20.90
N THR A 262 17.45 -2.77 20.59
CA THR A 262 16.97 -1.60 19.88
C THR A 262 17.58 -1.48 18.50
N PRO A 263 16.75 -1.43 17.44
CA PRO A 263 17.31 -1.24 16.12
C PRO A 263 17.43 0.24 15.80
N ASP A 264 17.87 0.53 14.58
CA ASP A 264 18.04 1.89 14.08
C ASP A 264 16.77 2.39 13.42
N LEU A 265 16.12 1.47 12.70
CA LEU A 265 14.85 1.73 12.04
C LEU A 265 13.89 0.58 12.33
N THR A 266 12.59 0.88 12.32
CA THR A 266 11.57 -0.13 12.55
C THR A 266 10.46 0.04 11.53
N ALA A 267 10.08 -1.06 10.90
CA ALA A 267 8.90 -1.07 10.06
C ALA A 267 7.72 -1.77 10.76
N LEU A 268 6.53 -1.24 10.54
CA LEU A 268 5.35 -1.66 11.22
C LEU A 268 4.24 -1.83 10.22
N GLY A 269 3.22 -2.56 10.64
CA GLY A 269 2.00 -2.72 9.86
C GLY A 269 1.07 -3.66 10.57
N1 LLP A 270 7.30 -8.00 6.74
C2 LLP A 270 6.77 -9.02 7.48
C2' LLP A 270 7.60 -9.70 8.55
C3 LLP A 270 5.47 -9.45 7.25
O3 LLP A 270 5.00 -10.39 7.90
C4 LLP A 270 4.69 -8.83 6.29
C4' LLP A 270 3.27 -9.32 6.10
C5 LLP A 270 5.23 -7.78 5.55
C6 LLP A 270 6.54 -7.37 5.78
C5' LLP A 270 4.41 -7.11 4.49
OP4 LLP A 270 3.23 -6.39 4.87
P LLP A 270 2.07 -6.11 3.81
OP1 LLP A 270 1.14 -5.24 4.59
OP2 LLP A 270 1.53 -7.47 3.51
OP3 LLP A 270 2.71 -5.48 2.63
N LLP A 270 0.33 -4.42 9.76
CA LLP A 270 -0.61 -5.44 10.22
CB LLP A 270 0.08 -6.80 10.39
CG LLP A 270 0.67 -7.33 9.05
CD LLP A 270 1.13 -8.80 9.11
CE LLP A 270 1.39 -9.39 7.67
NZ LLP A 270 2.84 -9.62 7.35
C LLP A 270 -1.46 -5.01 11.42
O LLP A 270 -2.47 -4.32 11.26
N VAL A 271 -1.07 -5.44 12.62
CA VAL A 271 -1.84 -5.16 13.84
C VAL A 271 -2.24 -3.70 14.04
N ILE A 272 -1.36 -2.76 13.66
CA ILE A 272 -1.52 -1.38 14.06
C ILE A 272 -2.60 -0.64 13.28
N GLY A 273 -3.21 -1.30 12.30
CA GLY A 273 -4.32 -0.69 11.58
C GLY A 273 -5.71 -1.14 12.03
N GLY A 274 -5.76 -2.00 13.04
CA GLY A 274 -7.06 -2.56 13.47
C GLY A 274 -7.77 -3.33 12.36
N GLY A 275 -7.05 -3.71 11.32
CA GLY A 275 -7.72 -4.39 10.21
C GLY A 275 -7.68 -3.62 8.90
N LEU A 276 -7.55 -2.29 8.97
CA LEU A 276 -7.50 -1.49 7.74
C LEU A 276 -6.07 -1.44 7.21
N PRO A 277 -5.92 -1.15 5.90
CA PRO A 277 -4.59 -1.16 5.30
C PRO A 277 -3.71 -0.08 5.91
N ILE A 278 -2.48 -0.46 6.25
CA ILE A 278 -1.61 0.45 6.94
C ILE A 278 -0.18 -0.07 6.93
N GLY A 279 0.76 0.85 7.06
CA GLY A 279 2.16 0.57 7.40
C GLY A 279 2.69 1.82 8.07
N ALA A 280 3.83 1.70 8.72
CA ALA A 280 4.48 2.84 9.34
C ALA A 280 5.93 2.46 9.51
N TYR A 281 6.77 3.44 9.76
CA TYR A 281 8.17 3.18 10.05
C TYR A 281 8.68 4.34 10.91
N GLY A 282 9.72 4.11 11.69
CA GLY A 282 10.30 5.17 12.48
C GLY A 282 11.59 4.69 13.08
N GLY A 283 12.28 5.57 13.80
CA GLY A 283 13.47 5.16 14.51
C GLY A 283 14.23 6.37 14.98
N LYS A 284 15.55 6.22 15.07
CA LYS A 284 16.43 7.30 15.49
C LYS A 284 16.22 8.60 14.70
N LYS A 285 16.19 9.71 15.43
CA LYS A 285 15.87 11.02 14.87
CA LYS A 285 15.89 11.04 14.87
C LYS A 285 16.76 11.39 13.68
N GLU A 286 18.08 11.20 13.84
CA GLU A 286 19.05 11.55 12.82
C GLU A 286 18.81 10.80 11.52
N ILE A 287 18.41 9.54 11.63
CA ILE A 287 18.19 8.73 10.44
C ILE A 287 16.93 9.20 9.73
N MSE A 288 15.88 9.45 10.50
CA MSE A 288 14.58 9.78 9.92
C MSE A 288 14.63 11.16 9.25
O MSE A 288 13.83 11.45 8.36
CB MSE A 288 13.48 9.70 10.99
CG MSE A 288 13.26 8.29 11.50
SE MSE A 288 12.32 7.19 10.15
CE MSE A 288 10.60 8.15 10.14
N GLU A 289 15.58 11.99 9.67
CA GLU A 289 15.80 13.30 9.06
C GLU A 289 16.04 13.23 7.55
N GLN A 290 16.35 12.04 7.03
CA GLN A 290 16.59 11.84 5.59
C GLN A 290 15.33 11.94 4.74
N VAL A 291 14.17 11.74 5.37
CA VAL A 291 12.91 11.64 4.64
C VAL A 291 12.33 13.01 4.28
N ALA A 292 11.91 13.16 3.03
CA ALA A 292 11.33 14.41 2.57
C ALA A 292 10.08 14.74 3.40
N PRO A 293 9.83 16.04 3.65
CA PRO A 293 10.52 17.23 3.13
C PRO A 293 11.71 17.67 3.96
N LEU A 294 12.03 16.91 5.00
CA LEU A 294 13.19 17.20 5.80
C LEU A 294 14.47 16.85 5.04
N GLY A 295 14.50 15.71 4.39
CA GLY A 295 15.71 15.26 3.70
C GLY A 295 15.50 14.88 2.26
N PRO A 296 16.55 14.36 1.61
CA PRO A 296 16.44 14.03 0.18
C PRO A 296 15.85 12.64 -0.13
N ALA A 297 15.51 11.84 0.88
CA ALA A 297 14.89 10.53 0.64
C ALA A 297 13.39 10.62 0.50
N TYR A 298 12.87 10.37 -0.70
CA TYR A 298 11.46 10.49 -0.98
C TYR A 298 10.68 9.29 -0.47
N GLN A 299 9.49 9.57 0.06
CA GLN A 299 8.50 8.57 0.41
C GLN A 299 7.20 9.33 0.42
N ALA A 300 6.14 8.71 -0.11
CA ALA A 300 4.84 9.37 -0.22
C ALA A 300 3.73 8.33 -0.08
N GLY A 301 2.56 8.59 -0.66
CA GLY A 301 1.51 7.58 -0.67
C GLY A 301 0.19 8.26 -0.43
N THR A 302 -0.71 8.17 -1.40
CA THR A 302 -1.97 8.91 -1.39
C THR A 302 -2.82 8.63 -0.15
N MSE A 303 -3.01 7.35 0.19
CA MSE A 303 -3.71 6.99 1.42
C MSE A 303 -2.85 6.95 2.69
O MSE A 303 -3.34 6.61 3.77
CB MSE A 303 -4.51 5.70 1.27
CG MSE A 303 -5.79 5.85 0.44
SE MSE A 303 -5.26 5.98 -1.42
CE MSE A 303 -6.88 5.31 -2.33
N ALA A 304 -1.57 7.31 2.61
CA ALA A 304 -0.76 7.33 3.83
C ALA A 304 -1.37 8.28 4.86
N GLY A 305 -1.54 7.80 6.10
CA GLY A 305 -2.07 8.63 7.18
C GLY A 305 -3.54 8.99 7.05
N ASN A 306 -4.25 8.29 6.18
CA ASN A 306 -5.69 8.53 6.00
C ASN A 306 -6.44 8.41 7.33
N PRO A 307 -7.51 9.19 7.48
CA PRO A 307 -8.26 9.28 8.73
C PRO A 307 -8.95 7.98 9.12
N ALA A 308 -9.30 7.13 8.14
CA ALA A 308 -9.95 5.86 8.47
C ALA A 308 -8.92 4.93 9.10
N SER A 309 -7.81 4.76 8.42
CA SER A 309 -6.76 3.89 8.95
C SER A 309 -6.21 4.44 10.26
N MSE A 310 -6.15 5.76 10.42
CA MSE A 310 -5.68 6.36 11.69
C MSE A 310 -6.65 6.04 12.83
O MSE A 310 -6.23 5.62 13.91
CB MSE A 310 -5.50 7.88 11.61
CG MSE A 310 -4.41 8.39 10.66
SE MSE A 310 -2.60 7.63 10.96
CE MSE A 310 -2.77 5.98 9.93
N ALA A 311 -7.95 6.24 12.61
CA ALA A 311 -8.95 6.06 13.65
C ALA A 311 -9.07 4.59 14.04
N SER A 312 -8.95 3.72 13.03
CA SER A 312 -8.92 2.29 13.22
C SER A 312 -7.73 1.84 14.06
N GLY A 313 -6.54 2.30 13.70
CA GLY A 313 -5.34 1.96 14.48
C GLY A 313 -5.43 2.42 15.93
N ILE A 314 -5.85 3.66 16.14
CA ILE A 314 -6.03 4.19 17.50
C ILE A 314 -6.99 3.32 18.31
N ALA A 315 -8.11 2.94 17.71
CA ALA A 315 -9.13 2.15 18.38
C ALA A 315 -8.57 0.79 18.75
N CYS A 316 -7.82 0.20 17.83
CA CYS A 316 -7.17 -1.08 18.08
C CYS A 316 -6.20 -0.99 19.27
N LEU A 317 -5.27 -0.01 19.26
CA LEU A 317 -4.33 0.11 20.37
C LEU A 317 -5.06 0.40 21.68
N GLU A 318 -6.21 1.06 21.60
CA GLU A 318 -6.98 1.34 22.81
C GLU A 318 -7.52 0.05 23.41
N VAL A 319 -7.97 -0.87 22.56
CA VAL A 319 -8.38 -2.16 23.06
C VAL A 319 -7.20 -2.87 23.72
N LEU A 320 -6.04 -2.83 23.05
CA LEU A 320 -4.86 -3.56 23.51
C LEU A 320 -4.22 -2.97 24.78
N GLN A 321 -4.70 -1.80 25.21
CA GLN A 321 -4.20 -1.21 26.47
C GLN A 321 -4.82 -1.83 27.73
N GLN A 322 -5.91 -2.59 27.59
CA GLN A 322 -6.60 -3.17 28.76
CA GLN A 322 -6.58 -3.12 28.76
C GLN A 322 -5.67 -4.03 29.61
N GLU A 323 -5.74 -3.85 30.93
CA GLU A 323 -4.93 -4.64 31.87
C GLU A 323 -5.18 -6.12 31.69
N GLY A 324 -4.12 -6.91 31.70
CA GLY A 324 -4.26 -8.37 31.74
C GLY A 324 -4.46 -9.02 30.38
N LEU A 325 -4.55 -8.22 29.32
CA LEU A 325 -4.89 -8.73 28.01
C LEU A 325 -3.82 -9.64 27.42
N TYR A 326 -2.56 -9.21 27.49
CA TYR A 326 -1.49 -10.01 26.89
C TYR A 326 -1.18 -11.24 27.75
N GLU A 327 -1.34 -11.09 29.07
CA GLU A 327 -1.20 -12.21 29.98
C GLU A 327 -2.21 -13.31 29.64
N LYS A 328 -3.45 -12.91 29.37
CA LYS A 328 -4.53 -13.83 29.00
C LYS A 328 -4.20 -14.55 27.71
N LEU A 329 -3.69 -13.82 26.71
CA LEU A 329 -3.28 -14.46 25.46
C LEU A 329 -2.16 -15.50 25.68
N ASP A 330 -1.22 -15.18 26.56
CA ASP A 330 -0.12 -16.09 26.91
C ASP A 330 -0.65 -17.36 27.61
N GLU A 331 -1.51 -17.16 28.59
CA GLU A 331 -2.09 -18.25 29.36
C GLU A 331 -2.90 -19.19 28.46
N LEU A 332 -3.74 -18.62 27.60
CA LEU A 332 -4.49 -19.43 26.65
C LEU A 332 -3.58 -20.13 25.65
N GLY A 333 -2.53 -19.45 25.20
CA GLY A 333 -1.56 -20.09 24.31
C GLY A 333 -0.91 -21.30 24.97
N ALA A 334 -0.48 -21.13 26.22
CA ALA A 334 0.04 -22.24 27.02
C ALA A 334 -0.90 -23.46 27.09
N THR A 335 -2.20 -23.22 27.30
CA THR A 335 -3.20 -24.29 27.36
C THR A 335 -3.27 -25.01 26.03
N LEU A 336 -3.31 -24.22 24.95
CA LEU A 336 -3.39 -24.77 23.61
C LEU A 336 -2.15 -25.62 23.32
N GLU A 337 -0.98 -25.06 23.56
CA GLU A 337 0.27 -25.82 23.35
C GLU A 337 0.30 -27.16 24.12
N LYS A 338 -0.10 -27.08 25.39
CA LYS A 338 -0.15 -28.24 26.26
C LYS A 338 -1.09 -29.33 25.72
N GLY A 339 -2.28 -28.91 25.27
CA GLY A 339 -3.25 -29.87 24.72
C GLY A 339 -2.76 -30.50 23.44
N ILE A 340 -2.15 -29.69 22.58
CA ILE A 340 -1.66 -30.19 21.29
C ILE A 340 -0.54 -31.19 21.51
N LEU A 341 0.36 -30.90 22.46
CA LEU A 341 1.46 -31.83 22.74
C LEU A 341 0.95 -33.15 23.30
N GLU A 342 0.01 -33.08 24.23
CA GLU A 342 -0.65 -34.30 24.74
C GLU A 342 -1.35 -35.11 23.66
N GLN A 343 -1.99 -34.43 22.71
CA GLN A 343 -2.67 -35.18 21.66
C GLN A 343 -1.64 -35.85 20.75
N ALA A 344 -0.51 -35.17 20.52
CA ALA A 344 0.53 -35.73 19.69
C ALA A 344 1.12 -36.97 20.34
N ALA A 345 1.32 -36.90 21.66
CA ALA A 345 1.86 -38.06 22.36
C ALA A 345 0.88 -39.25 22.32
N LYS A 346 -0.39 -38.94 22.55
CA LYS A 346 -1.42 -39.96 22.59
C LYS A 346 -1.51 -40.71 21.27
N HIS A 347 -1.49 -39.97 20.16
CA HIS A 347 -1.67 -40.60 18.85
C HIS A 347 -0.37 -40.89 18.13
N ASN A 348 0.75 -40.74 18.84
CA ASN A 348 2.07 -41.01 18.29
C ASN A 348 2.40 -40.22 17.02
N ILE A 349 2.04 -38.95 17.00
CA ILE A 349 2.39 -38.10 15.87
C ILE A 349 3.67 -37.35 16.22
N ASP A 350 4.64 -37.32 15.30
CA ASP A 350 5.87 -36.55 15.52
C ASP A 350 5.65 -35.07 15.22
N ILE A 351 5.69 -34.24 16.25
CA ILE A 351 5.65 -32.79 16.05
C ILE A 351 6.64 -32.07 16.94
N THR A 352 7.07 -30.89 16.52
CA THR A 352 7.59 -29.94 17.47
C THR A 352 6.72 -28.68 17.36
N LEU A 353 6.65 -27.92 18.44
CA LEU A 353 5.77 -26.77 18.54
C LEU A 353 6.55 -25.60 19.07
N ASN A 354 6.61 -24.53 18.30
CA ASN A 354 7.23 -23.27 18.76
C ASN A 354 6.11 -22.32 19.15
N ARG A 355 6.09 -21.86 20.40
CA ARG A 355 5.10 -20.88 20.81
C ARG A 355 5.77 -19.67 21.46
N LEU A 356 5.27 -18.48 21.15
CA LEU A 356 5.58 -17.33 22.00
C LEU A 356 4.27 -16.62 22.30
N LYS A 357 3.89 -16.58 23.57
CA LYS A 357 2.67 -15.86 23.96
C LYS A 357 1.49 -16.53 23.24
N GLY A 358 0.63 -15.72 22.61
CA GLY A 358 -0.52 -16.28 21.88
C GLY A 358 -0.34 -16.55 20.39
N ALA A 359 0.87 -16.92 19.97
CA ALA A 359 1.15 -17.31 18.58
C ALA A 359 1.97 -18.59 18.57
N LEU A 360 1.63 -19.55 17.72
CA LEU A 360 2.40 -20.78 17.74
C LEU A 360 2.40 -21.42 16.37
N THR A 361 3.39 -22.27 16.12
CA THR A 361 3.36 -23.10 14.92
C THR A 361 3.56 -24.55 15.32
N VAL A 362 2.76 -25.45 14.75
CA VAL A 362 2.97 -26.87 14.89
C VAL A 362 3.67 -27.41 13.63
N TYR A 363 4.84 -28.00 13.83
CA TYR A 363 5.63 -28.55 12.74
C TYR A 363 5.52 -30.06 12.78
N PHE A 364 5.43 -30.70 11.62
CA PHE A 364 5.43 -32.16 11.59
C PHE A 364 6.85 -32.64 11.34
N THR A 365 7.50 -33.04 12.43
CA THR A 365 8.93 -33.28 12.47
C THR A 365 9.31 -33.77 13.86
N THR A 366 10.56 -34.23 14.03
CA THR A 366 11.11 -34.47 15.36
C THR A 366 12.18 -33.41 15.66
N ASN A 367 12.56 -32.64 14.65
CA ASN A 367 13.58 -31.59 14.81
C ASN A 367 13.07 -30.33 15.51
N THR A 368 13.95 -29.74 16.33
CA THR A 368 13.75 -28.39 16.87
C THR A 368 13.99 -27.42 15.72
N ILE A 369 13.06 -26.48 15.53
CA ILE A 369 13.13 -25.57 14.38
C ILE A 369 13.67 -24.21 14.76
N GLU A 370 14.87 -23.88 14.27
CA GLU A 370 15.56 -22.64 14.67
C GLU A 370 15.95 -21.74 13.50
N ASP A 371 15.71 -22.22 12.28
CA ASP A 371 16.06 -21.51 11.06
C ASP A 371 15.21 -22.04 9.90
N TYR A 372 15.32 -21.37 8.75
CA TYR A 372 14.49 -21.70 7.61
C TYR A 372 14.80 -23.10 7.07
N ASP A 373 16.08 -23.43 6.99
CA ASP A 373 16.49 -24.74 6.50
C ASP A 373 15.71 -25.83 7.24
N ALA A 374 15.68 -25.75 8.56
CA ALA A 374 14.97 -26.76 9.34
C ALA A 374 13.46 -26.78 9.05
N ALA A 375 12.86 -25.59 9.03
CA ALA A 375 11.42 -25.47 8.78
C ALA A 375 11.05 -26.05 7.41
N GLN A 376 11.87 -25.75 6.41
CA GLN A 376 11.63 -26.24 5.06
C GLN A 376 11.64 -27.77 5.02
N ASP A 377 12.39 -28.39 5.92
CA ASP A 377 12.53 -29.85 5.93
C ASP A 377 11.35 -30.57 6.57
N THR A 378 10.49 -29.83 7.25
CA THR A 378 9.40 -30.46 7.97
C THR A 378 8.39 -30.98 6.95
N ASP A 379 7.46 -31.82 7.41
CA ASP A 379 6.61 -32.62 6.51
C ASP A 379 5.36 -31.85 6.04
N GLY A 380 5.47 -31.24 4.86
CA GLY A 380 4.35 -30.53 4.24
C GLY A 380 3.15 -31.39 3.85
N GLU A 381 3.40 -32.63 3.45
CA GLU A 381 2.31 -33.55 3.11
C GLU A 381 1.41 -33.79 4.33
N MSE A 382 2.04 -34.11 5.45
CA MSE A 382 1.33 -34.33 6.70
C MSE A 382 0.64 -33.03 7.16
O MSE A 382 -0.45 -33.07 7.74
CB MSE A 382 2.34 -34.79 7.75
CG MSE A 382 1.72 -35.17 9.08
SE MSE A 382 1.38 -37.07 9.16
CE MSE A 382 3.23 -37.70 9.15
N PHE A 383 1.27 -31.88 6.93
CA PHE A 383 0.60 -30.66 7.31
C PHE A 383 -0.67 -30.45 6.51
N GLY A 384 -0.62 -30.71 5.21
CA GLY A 384 -1.78 -30.49 4.36
C GLY A 384 -2.97 -31.38 4.74
N LYS A 385 -2.72 -32.66 4.97
CA LYS A 385 -3.78 -33.55 5.47
C LYS A 385 -4.34 -33.03 6.81
N PHE A 386 -3.46 -32.66 7.72
CA PHE A 386 -3.88 -32.12 9.02
C PHE A 386 -4.76 -30.91 8.82
N PHE A 387 -4.34 -29.99 7.94
CA PHE A 387 -5.09 -28.78 7.67
C PHE A 387 -6.54 -29.07 7.23
N LYS A 388 -6.70 -29.99 6.28
CA LYS A 388 -8.02 -30.34 5.77
C LYS A 388 -8.89 -31.09 6.78
N LEU A 389 -8.24 -31.90 7.63
CA LEU A 389 -8.97 -32.55 8.73
C LEU A 389 -9.46 -31.49 9.72
N MSE A 390 -8.65 -30.47 9.97
CA MSE A 390 -9.04 -29.39 10.88
C MSE A 390 -10.24 -28.58 10.37
O MSE A 390 -11.14 -28.23 11.16
CB MSE A 390 -7.84 -28.46 11.20
CG MSE A 390 -6.79 -29.08 12.13
SE MSE A 390 -7.48 -29.69 13.86
CE MSE A 390 -7.59 -27.92 14.66
N LEU A 391 -10.26 -28.27 9.08
CA LEU A 391 -11.45 -27.64 8.48
C LEU A 391 -12.70 -28.45 8.77
N GLN A 392 -12.58 -29.77 8.65
CA GLN A 392 -13.71 -30.66 8.90
C GLN A 392 -14.17 -30.57 10.35
N GLU A 393 -13.28 -30.15 11.23
CA GLU A 393 -13.62 -30.03 12.65
C GLU A 393 -14.07 -28.61 13.01
N GLY A 394 -14.22 -27.76 12.00
CA GLY A 394 -14.63 -26.37 12.21
C GLY A 394 -13.55 -25.48 12.81
N VAL A 395 -12.30 -25.77 12.47
CA VAL A 395 -11.17 -24.89 12.84
C VAL A 395 -10.45 -24.39 11.59
N ASN A 396 -10.34 -23.07 11.44
CA ASN A 396 -9.71 -22.54 10.25
C ASN A 396 -8.30 -22.08 10.57
N LEU A 397 -7.33 -22.81 10.00
CA LEU A 397 -5.92 -22.44 10.11
C LEU A 397 -5.43 -21.77 8.83
N ALA A 398 -4.21 -21.23 8.87
CA ALA A 398 -3.56 -20.73 7.67
C ALA A 398 -3.03 -21.92 6.87
N PRO A 399 -3.29 -21.92 5.56
CA PRO A 399 -2.99 -23.07 4.71
C PRO A 399 -1.53 -23.23 4.30
N SER A 400 -0.62 -23.16 5.27
CA SER A 400 0.79 -23.44 4.99
C SER A 400 1.54 -23.87 6.25
N LYS A 401 2.52 -24.75 6.08
CA LYS A 401 3.34 -25.22 7.20
C LYS A 401 4.23 -24.11 7.76
N TYR A 402 4.34 -23.02 7.02
CA TYR A 402 5.18 -21.92 7.39
C TYR A 402 4.38 -20.88 8.16
N GLU A 403 3.12 -21.18 8.45
CA GLU A 403 2.22 -20.19 9.06
C GLU A 403 2.16 -20.30 10.59
N ALA A 404 1.65 -19.26 11.22
CA ALA A 404 1.40 -19.32 12.65
C ALA A 404 -0.09 -19.44 12.90
N TRP A 405 -0.45 -20.02 14.04
CA TRP A 405 -1.78 -19.91 14.61
C TRP A 405 -1.74 -18.67 15.52
N PHE A 406 -2.71 -17.79 15.37
CA PHE A 406 -2.77 -16.58 16.16
C PHE A 406 -4.04 -16.60 17.02
N LEU A 407 -3.90 -16.40 18.32
CA LEU A 407 -5.06 -16.19 19.20
C LEU A 407 -5.50 -14.73 19.14
N THR A 408 -6.76 -14.48 19.50
CA THR A 408 -7.23 -13.11 19.65
C THR A 408 -7.75 -12.89 21.06
N THR A 409 -8.04 -11.65 21.39
CA THR A 409 -8.62 -11.30 22.68
C THR A 409 -9.98 -12.01 22.86
N GLU A 410 -10.58 -12.47 21.76
CA GLU A 410 -11.95 -13.02 21.80
C GLU A 410 -12.03 -14.54 21.93
N HIS A 411 -10.91 -15.24 21.73
CA HIS A 411 -10.89 -16.69 21.88
C HIS A 411 -11.05 -16.98 23.35
N THR A 412 -11.85 -17.99 23.67
CA THR A 412 -12.14 -18.35 25.06
C THR A 412 -11.48 -19.66 25.44
N LYS A 413 -11.47 -19.95 26.73
CA LYS A 413 -11.01 -21.24 27.22
C LYS A 413 -11.77 -22.40 26.54
N GLU A 414 -13.07 -22.19 26.30
CA GLU A 414 -13.89 -23.18 25.62
C GLU A 414 -13.49 -23.37 24.14
N ASP A 415 -13.20 -22.28 23.44
CA ASP A 415 -12.68 -22.34 22.05
C ASP A 415 -11.39 -23.17 22.00
N ILE A 416 -10.49 -22.90 22.94
CA ILE A 416 -9.22 -23.62 23.04
C ILE A 416 -9.47 -25.10 23.32
N GLU A 417 -10.33 -25.38 24.29
CA GLU A 417 -10.65 -26.77 24.64
C GLU A 417 -11.20 -27.50 23.42
N TYR A 418 -12.12 -26.86 22.72
CA TYR A 418 -12.67 -27.43 21.50
C TYR A 418 -11.58 -27.66 20.44
N THR A 419 -10.64 -26.74 20.34
CA THR A 419 -9.60 -26.86 19.35
C THR A 419 -8.71 -28.06 19.68
N ILE A 420 -8.41 -28.24 20.97
CA ILE A 420 -7.60 -29.37 21.42
C ILE A 420 -8.26 -30.70 21.05
N GLU A 421 -9.58 -30.82 21.26
CA GLU A 421 -10.26 -32.06 20.91
CA GLU A 421 -10.32 -32.03 20.90
C GLU A 421 -10.32 -32.24 19.39
N ALA A 422 -10.44 -31.14 18.67
CA ALA A 422 -10.39 -31.17 17.20
C ALA A 422 -9.03 -31.73 16.78
N VAL A 423 -7.96 -31.20 17.37
CA VAL A 423 -6.59 -31.66 17.08
C VAL A 423 -6.43 -33.17 17.35
N GLY A 424 -7.00 -33.65 18.45
CA GLY A 424 -6.94 -35.07 18.77
C GLY A 424 -7.63 -35.90 17.70
N ARG A 425 -8.79 -35.41 17.23
CA ARG A 425 -9.54 -36.10 16.20
C ARG A 425 -8.75 -36.16 14.90
N ALA A 426 -8.08 -35.05 14.59
CA ALA A 426 -7.30 -34.95 13.36
C ALA A 426 -6.05 -35.81 13.48
N PHE A 427 -5.37 -35.76 14.63
CA PHE A 427 -4.19 -36.61 14.83
C PHE A 427 -4.56 -38.11 14.75
N ALA A 428 -5.74 -38.48 15.24
CA ALA A 428 -6.18 -39.88 15.14
C ALA A 428 -6.26 -40.29 13.67
N ALA A 429 -6.84 -39.43 12.85
CA ALA A 429 -6.97 -39.74 11.43
C ALA A 429 -5.61 -39.79 10.72
N LEU A 430 -4.66 -38.99 11.18
CA LEU A 430 -3.31 -39.05 10.59
C LEU A 430 -2.64 -40.37 10.91
N ALA A 431 -2.83 -40.84 12.14
CA ALA A 431 -2.20 -42.06 12.60
C ALA A 431 -2.87 -43.26 11.94
N ASP A 432 -4.18 -43.16 11.77
CA ASP A 432 -4.95 -44.20 11.14
C ASP A 432 -4.48 -44.34 9.70
N ASN A 433 -4.41 -43.22 8.99
CA ASN A 433 -3.87 -43.19 7.64
C ASN A 433 -4.80 -43.84 6.62
N VAL B 2 -10.50 38.53 7.48
CA VAL B 2 -9.27 37.68 7.57
C VAL B 2 -9.54 36.38 8.31
N VAL B 3 -9.18 35.27 7.66
CA VAL B 3 -9.26 33.95 8.24
C VAL B 3 -8.03 33.68 9.10
N LYS B 4 -8.18 32.94 10.20
CA LYS B 4 -7.00 32.51 10.94
C LYS B 4 -6.77 30.99 11.05
N PHE B 5 -5.51 30.62 11.23
CA PHE B 5 -5.09 29.23 11.19
C PHE B 5 -4.40 28.81 12.49
N THR B 6 -4.76 29.50 13.57
CA THR B 6 -4.14 29.31 14.90
C THR B 6 -4.04 27.83 15.35
N LYS B 7 -5.14 27.09 15.23
CA LYS B 7 -5.16 25.66 15.60
C LYS B 7 -4.29 24.82 14.68
N SER B 8 -4.35 25.11 13.38
CA SER B 8 -3.52 24.38 12.44
C SER B 8 -2.05 24.59 12.76
N GLU B 9 -1.71 25.83 13.10
CA GLU B 9 -0.35 26.16 13.47
C GLU B 9 0.06 25.34 14.68
N ALA B 10 -0.76 25.35 15.73
CA ALA B 10 -0.45 24.58 16.93
C ALA B 10 -0.35 23.07 16.62
N LEU B 11 -1.27 22.57 15.82
CA LEU B 11 -1.22 21.14 15.47
C LEU B 11 0.06 20.81 14.72
N HIS B 12 0.42 21.64 13.75
CA HIS B 12 1.66 21.46 13.00
C HIS B 12 2.89 21.46 13.90
N LYS B 13 2.92 22.38 14.85
CA LYS B 13 4.03 22.45 15.79
C LYS B 13 4.16 21.10 16.49
N GLU B 14 3.04 20.56 16.97
CA GLU B 14 3.13 19.29 17.66
C GLU B 14 3.51 18.17 16.68
N ALA B 15 2.95 18.22 15.48
CA ALA B 15 3.20 17.20 14.48
C ALA B 15 4.68 17.06 14.17
N LEU B 16 5.38 18.20 14.14
CA LEU B 16 6.82 18.22 13.86
C LEU B 16 7.64 17.37 14.81
N GLU B 17 7.15 17.21 16.04
CA GLU B 17 7.88 16.43 17.04
C GLU B 17 7.79 14.91 16.80
N HIS B 18 6.68 14.48 16.21
CA HIS B 18 6.39 13.03 16.11
C HIS B 18 6.45 12.48 14.70
N ILE B 19 6.22 13.33 13.72
CA ILE B 19 6.17 12.93 12.33
C ILE B 19 7.16 13.76 11.53
N VAL B 20 7.99 13.09 10.72
CA VAL B 20 9.02 13.77 9.94
C VAL B 20 8.43 14.90 9.12
N GLY B 21 8.88 16.14 9.39
CA GLY B 21 8.36 17.33 8.72
C GLY B 21 6.86 17.53 8.93
N GLY B 22 6.29 16.79 9.87
CA GLY B 22 4.90 17.01 10.25
C GLY B 22 3.88 16.50 9.24
N VAL B 23 4.33 15.76 8.23
CA VAL B 23 3.41 15.26 7.22
C VAL B 23 3.75 13.84 6.81
N ASN B 24 2.74 13.09 6.38
CA ASN B 24 2.96 11.74 5.92
C ASN B 24 3.11 11.63 4.39
N SER B 25 3.14 12.78 3.72
CA SER B 25 3.53 12.90 2.31
C SER B 25 4.08 14.29 2.09
N PRO B 26 5.25 14.39 1.44
CA PRO B 26 5.85 15.72 1.23
C PRO B 26 4.91 16.62 0.44
N SER B 27 4.05 16.03 -0.40
CA SER B 27 3.03 16.78 -1.14
C SER B 27 2.20 17.63 -0.21
N ARG B 28 2.01 17.16 1.01
CA ARG B 28 1.13 17.84 1.96
C ARG B 28 1.81 19.01 2.68
N SER B 29 3.12 19.09 2.55
CA SER B 29 3.86 20.22 3.14
C SER B 29 3.57 21.50 2.36
N PHE B 30 3.73 22.64 3.02
CA PHE B 30 3.53 23.93 2.36
C PHE B 30 4.84 24.47 1.83
N LYS B 31 5.85 23.61 1.78
CA LYS B 31 7.20 24.03 1.39
C LYS B 31 7.19 24.66 0.00
N ALA B 32 6.46 24.04 -0.93
CA ALA B 32 6.44 24.50 -2.32
C ALA B 32 5.71 25.82 -2.51
N VAL B 33 4.88 26.20 -1.54
CA VAL B 33 4.03 27.39 -1.68
C VAL B 33 4.42 28.46 -0.66
N GLY B 34 5.68 28.44 -0.24
CA GLY B 34 6.22 29.50 0.62
C GLY B 34 6.37 29.16 2.09
N GLY B 35 6.07 27.91 2.45
CA GLY B 35 6.22 27.47 3.83
C GLY B 35 5.02 27.79 4.69
N GLY B 36 5.22 27.74 6.01
CA GLY B 36 4.13 27.90 6.96
C GLY B 36 3.47 26.57 7.31
N ALA B 37 2.57 26.59 8.29
CA ALA B 37 1.88 25.38 8.68
C ALA B 37 0.85 24.96 7.64
N PRO B 38 0.88 23.68 7.25
CA PRO B 38 -0.22 23.24 6.42
C PRO B 38 -1.53 23.29 7.23
N ILE B 39 -2.64 23.43 6.53
CA ILE B 39 -3.96 23.46 7.15
C ILE B 39 -4.45 22.04 7.46
N ALA B 40 -4.87 21.80 8.70
CA ALA B 40 -5.39 20.48 9.09
C ALA B 40 -6.91 20.46 9.00
N MSE B 41 -7.42 19.44 8.34
CA MSE B 41 -8.86 19.30 8.12
C MSE B 41 -9.47 18.40 9.17
O MSE B 41 -8.87 17.41 9.60
CB MSE B 41 -9.13 18.74 6.73
CG MSE B 41 -8.62 19.67 5.61
SE MSE B 41 -9.39 21.46 5.76
CE MSE B 41 -8.57 22.33 4.20
N GLU B 42 -10.67 18.73 9.60
CA GLU B 42 -11.29 17.97 10.67
C GLU B 42 -12.45 17.17 10.14
N ARG B 43 -13.06 17.66 9.07
CA ARG B 43 -14.23 16.99 8.51
C ARG B 43 -14.42 17.37 7.05
N GLY B 44 -14.89 16.41 6.25
CA GLY B 44 -15.29 16.71 4.88
C GLY B 44 -16.71 16.22 4.66
N LYS B 45 -17.47 16.97 3.87
CA LYS B 45 -18.82 16.52 3.48
C LYS B 45 -19.08 17.05 2.07
N GLY B 46 -19.35 16.14 1.14
CA GLY B 46 -19.53 16.55 -0.25
C GLY B 46 -18.37 17.40 -0.74
N ALA B 47 -18.68 18.60 -1.21
CA ALA B 47 -17.67 19.49 -1.77
C ALA B 47 -16.90 20.28 -0.73
N TYR B 48 -17.22 20.11 0.55
CA TYR B 48 -16.71 21.02 1.59
C TYR B 48 -15.77 20.34 2.57
N PHE B 49 -14.77 21.12 2.99
CA PHE B 49 -13.84 20.79 4.07
C PHE B 49 -14.13 21.74 5.20
N TRP B 50 -13.84 21.31 6.42
CA TRP B 50 -13.74 22.21 7.56
C TRP B 50 -12.39 21.96 8.22
N ASP B 51 -11.63 23.02 8.51
CA ASP B 51 -10.34 22.84 9.16
C ASP B 51 -10.49 22.86 10.69
N VAL B 52 -9.39 22.63 11.41
CA VAL B 52 -9.46 22.56 12.88
C VAL B 52 -9.77 23.89 13.55
N ASP B 53 -9.64 24.98 12.80
CA ASP B 53 -10.08 26.30 13.28
C ASP B 53 -11.53 26.59 12.93
N GLY B 54 -12.24 25.61 12.38
CA GLY B 54 -13.65 25.80 12.03
C GLY B 54 -13.92 26.55 10.73
N ASN B 55 -12.88 26.84 9.96
CA ASN B 55 -13.05 27.45 8.64
C ASN B 55 -13.60 26.44 7.62
N LYS B 56 -14.50 26.92 6.77
CA LYS B 56 -15.09 26.12 5.67
C LYS B 56 -14.45 26.38 4.30
N TYR B 57 -14.21 25.32 3.54
CA TYR B 57 -13.62 25.43 2.21
C TYR B 57 -14.44 24.71 1.15
N ILE B 58 -14.44 25.25 -0.06
CA ILE B 58 -14.85 24.45 -1.21
C ILE B 58 -13.58 23.73 -1.61
N ASP B 59 -13.63 22.41 -1.70
CA ASP B 59 -12.41 21.61 -1.92
C ASP B 59 -12.22 21.19 -3.38
N TYR B 60 -11.00 21.39 -3.88
CA TYR B 60 -10.62 20.93 -5.21
C TYR B 60 -9.46 19.95 -5.18
N LEU B 61 -8.97 19.66 -3.98
CA LEU B 61 -7.82 18.77 -3.81
C LEU B 61 -8.20 17.33 -4.13
N ALA B 62 -9.40 16.94 -3.72
CA ALA B 62 -9.88 15.58 -3.93
C ALA B 62 -8.82 14.58 -3.45
N ALA B 63 -8.16 14.90 -2.34
CA ALA B 63 -7.12 14.05 -1.79
C ALA B 63 -6.11 13.60 -2.86
N TYR B 64 -5.91 14.45 -3.85
CA TYR B 64 -4.95 14.24 -4.96
C TYR B 64 -5.45 13.22 -5.99
N GLY B 65 -6.76 13.09 -6.16
CA GLY B 65 -7.26 12.21 -7.23
C GLY B 65 -8.33 11.18 -6.91
N PRO B 66 -8.33 10.65 -5.67
CA PRO B 66 -9.29 9.55 -5.41
C PRO B 66 -10.74 10.01 -5.30
N ILE B 67 -10.94 11.23 -4.84
CA ILE B 67 -12.27 11.68 -4.47
C ILE B 67 -13.02 12.25 -5.64
N ILE B 68 -14.15 11.64 -5.96
CA ILE B 68 -14.94 12.15 -7.04
C ILE B 68 -16.42 12.12 -6.68
N THR B 69 -16.78 11.35 -5.66
CA THR B 69 -18.17 11.31 -5.21
C THR B 69 -18.34 12.27 -4.05
N GLY B 70 -17.30 13.05 -3.79
CA GLY B 70 -17.31 14.00 -2.70
C GLY B 70 -16.88 13.29 -1.42
N HIS B 71 -16.64 14.05 -0.37
CA HIS B 71 -16.34 13.47 0.94
C HIS B 71 -17.54 12.79 1.58
N ALA B 72 -17.31 11.61 2.14
CA ALA B 72 -18.39 10.86 2.85
C ALA B 72 -19.71 10.77 2.10
N HIS B 73 -19.67 10.33 0.84
CA HIS B 73 -20.91 10.03 0.12
C HIS B 73 -21.64 8.90 0.86
N PRO B 74 -22.94 9.11 1.16
CA PRO B 74 -23.67 8.16 2.01
C PRO B 74 -23.74 6.72 1.48
N HIS B 75 -23.70 6.53 0.15
CA HIS B 75 -23.76 5.18 -0.41
C HIS B 75 -22.48 4.40 -0.09
N ILE B 76 -21.36 5.11 -0.05
CA ILE B 76 -20.07 4.49 0.25
C ILE B 76 -19.98 4.29 1.76
N THR B 77 -20.44 5.27 2.52
CA THR B 77 -20.42 5.17 3.97
C THR B 77 -21.22 3.93 4.43
N LYS B 78 -22.43 3.80 3.92
CA LYS B 78 -23.22 2.61 4.18
C LYS B 78 -22.41 1.32 3.94
N ALA B 79 -21.75 1.23 2.79
CA ALA B 79 -21.03 0.00 2.44
C ALA B 79 -19.86 -0.23 3.40
N ILE B 80 -19.20 0.86 3.79
CA ILE B 80 -18.04 0.74 4.68
C ILE B 80 -18.51 0.25 6.04
N THR B 81 -19.62 0.79 6.51
CA THR B 81 -20.14 0.43 7.82
C THR B 81 -20.51 -1.04 7.87
N THR B 82 -21.24 -1.50 6.88
CA THR B 82 -21.61 -2.90 6.76
C THR B 82 -20.36 -3.79 6.75
N ALA B 83 -19.33 -3.35 6.04
CA ALA B 83 -18.11 -4.14 5.93
C ALA B 83 -17.43 -4.26 7.29
N ALA B 84 -17.38 -3.14 8.01
CA ALA B 84 -16.75 -3.15 9.32
C ALA B 84 -17.51 -4.05 10.27
N GLU B 85 -18.83 -4.01 10.19
CA GLU B 85 -19.68 -4.83 11.05
C GLU B 85 -19.48 -6.34 10.80
N ASN B 86 -19.03 -6.70 9.61
CA ASN B 86 -18.79 -8.12 9.30
C ASN B 86 -17.31 -8.51 9.21
N GLY B 87 -16.46 -7.56 9.58
CA GLY B 87 -15.02 -7.75 9.62
C GLY B 87 -14.40 -7.22 8.35
N VAL B 88 -13.38 -6.39 8.50
CA VAL B 88 -12.83 -5.66 7.38
C VAL B 88 -11.70 -6.42 6.68
N LEU B 89 -11.28 -7.55 7.24
CA LEU B 89 -10.05 -8.20 6.77
C LEU B 89 -10.04 -9.70 7.10
N TYR B 90 -10.00 -10.56 6.07
CA TYR B 90 -10.13 -12.01 6.25
C TYR B 90 -8.86 -12.81 5.97
N GLY B 91 -8.15 -12.47 4.90
CA GLY B 91 -7.04 -13.31 4.45
C GLY B 91 -7.51 -14.57 3.72
N THR B 92 -8.74 -14.53 3.20
CA THR B 92 -9.34 -15.61 2.41
C THR B 92 -10.07 -14.97 1.24
N PRO B 93 -10.43 -15.76 0.19
CA PRO B 93 -11.31 -15.32 -0.91
C PRO B 93 -12.65 -14.83 -0.38
N THR B 94 -13.32 -13.96 -1.12
CA THR B 94 -14.66 -13.47 -0.75
C THR B 94 -15.44 -13.31 -2.03
N ALA B 95 -16.77 -13.22 -1.90
CA ALA B 95 -17.61 -12.93 -3.04
C ALA B 95 -17.36 -11.53 -3.57
N LEU B 96 -17.12 -10.57 -2.67
CA LEU B 96 -16.94 -9.18 -3.08
C LEU B 96 -15.77 -8.97 -4.03
N GLU B 97 -14.69 -9.71 -3.81
CA GLU B 97 -13.53 -9.66 -4.71
C GLU B 97 -13.95 -10.01 -6.14
N VAL B 98 -14.70 -11.09 -6.30
CA VAL B 98 -15.16 -11.53 -7.63
C VAL B 98 -16.13 -10.52 -8.20
N LYS B 99 -17.02 -10.01 -7.36
CA LYS B 99 -17.99 -9.00 -7.79
C LYS B 99 -17.25 -7.76 -8.31
N PHE B 100 -16.32 -7.24 -7.52
CA PHE B 100 -15.60 -6.03 -7.93
C PHE B 100 -14.73 -6.28 -9.15
N ALA B 101 -14.05 -7.41 -9.19
CA ALA B 101 -13.26 -7.78 -10.36
C ALA B 101 -14.11 -7.74 -11.63
N LYS B 102 -15.30 -8.34 -11.57
CA LYS B 102 -16.18 -8.36 -12.74
C LYS B 102 -16.63 -6.95 -13.14
N MSE B 103 -16.89 -6.10 -12.15
CA MSE B 103 -17.33 -4.74 -12.44
C MSE B 103 -16.25 -3.91 -13.12
O MSE B 103 -16.57 -3.03 -13.94
CB MSE B 103 -17.75 -4.01 -11.16
CG MSE B 103 -19.11 -4.42 -10.64
SE MSE B 103 -19.45 -3.52 -8.92
CE MSE B 103 -19.51 -1.73 -9.55
N LEU B 104 -14.99 -4.13 -12.76
CA LEU B 104 -13.87 -3.44 -13.41
C LEU B 104 -13.70 -3.97 -14.84
N LYS B 105 -13.82 -5.28 -15.00
CA LYS B 105 -13.75 -5.88 -16.33
C LYS B 105 -14.86 -5.39 -17.29
N GLU B 106 -16.06 -5.23 -16.77
CA GLU B 106 -17.20 -4.70 -17.53
C GLU B 106 -16.99 -3.26 -17.99
N ALA B 107 -16.32 -2.45 -17.16
CA ALA B 107 -16.07 -1.04 -17.47
C ALA B 107 -14.86 -0.84 -18.37
N MSE B 108 -13.92 -1.77 -18.30
CA MSE B 108 -12.65 -1.66 -19.00
C MSE B 108 -12.38 -3.03 -19.61
O MSE B 108 -11.62 -3.83 -19.05
CB MSE B 108 -11.55 -1.27 -18.02
CG MSE B 108 -11.83 0.07 -17.30
SE MSE B 108 -10.38 0.65 -16.17
CE MSE B 108 -11.06 2.42 -15.70
N PRO B 109 -13.00 -3.29 -20.78
CA PRO B 109 -13.09 -4.62 -21.39
C PRO B 109 -11.74 -5.20 -21.79
N ALA B 110 -10.70 -4.38 -21.78
CA ALA B 110 -9.37 -4.90 -22.10
C ALA B 110 -8.71 -5.63 -20.92
N LEU B 111 -9.25 -5.48 -19.72
CA LEU B 111 -8.77 -6.27 -18.59
C LEU B 111 -9.34 -7.69 -18.68
N ASP B 112 -8.52 -8.66 -19.06
CA ASP B 112 -8.96 -10.06 -19.11
C ASP B 112 -9.01 -10.65 -17.71
N LYS B 113 -7.99 -10.33 -16.92
CA LYS B 113 -7.96 -10.73 -15.52
C LYS B 113 -7.38 -9.57 -14.71
N VAL B 114 -7.67 -9.54 -13.43
CA VAL B 114 -7.13 -8.48 -12.58
C VAL B 114 -6.67 -9.04 -11.26
N ARG B 115 -5.84 -8.27 -10.56
CA ARG B 115 -5.45 -8.61 -9.22
C ARG B 115 -5.51 -7.34 -8.39
N PHE B 116 -5.90 -7.47 -7.14
CA PHE B 116 -5.97 -6.28 -6.28
C PHE B 116 -4.72 -6.19 -5.42
N VAL B 117 -4.26 -4.96 -5.17
CA VAL B 117 -3.11 -4.68 -4.31
C VAL B 117 -3.52 -3.55 -3.36
N ASN B 118 -2.58 -2.98 -2.61
CA ASN B 118 -2.96 -1.98 -1.63
C ASN B 118 -2.76 -0.53 -2.00
N SER B 119 -2.15 -0.28 -3.15
CA SER B 119 -1.90 1.09 -3.58
C SER B 119 -1.55 1.14 -5.05
N GLY B 120 -1.60 2.34 -5.62
CA GLY B 120 -1.20 2.52 -7.00
C GLY B 120 0.27 2.21 -7.12
N THR B 121 1.04 2.56 -6.10
CA THR B 121 2.48 2.29 -6.09
C THR B 121 2.76 0.79 -6.23
N GLU B 122 2.07 -0.01 -5.42
CA GLU B 122 2.20 -1.45 -5.49
C GLU B 122 1.68 -1.97 -6.84
N ALA B 123 0.63 -1.35 -7.36
CA ALA B 123 0.11 -1.82 -8.65
C ALA B 123 1.14 -1.61 -9.74
N VAL B 124 1.75 -0.43 -9.77
CA VAL B 124 2.78 -0.15 -10.78
C VAL B 124 4.00 -1.06 -10.61
N MSE B 125 4.48 -1.20 -9.37
CA MSE B 125 5.62 -2.08 -9.07
C MSE B 125 5.36 -3.45 -9.66
O MSE B 125 6.27 -4.09 -10.18
CB MSE B 125 5.76 -2.28 -7.55
CG MSE B 125 6.27 -1.11 -6.76
SE MSE B 125 6.11 -1.55 -4.84
CE MSE B 125 7.11 -3.18 -4.90
N THR B 126 4.12 -3.90 -9.53
CA THR B 126 3.76 -5.23 -9.99
C THR B 126 3.73 -5.33 -11.51
N THR B 127 3.06 -4.39 -12.19
CA THR B 127 3.05 -4.42 -13.66
C THR B 127 4.47 -4.50 -14.20
N ILE B 128 5.40 -3.82 -13.55
CA ILE B 128 6.79 -3.82 -14.00
C ILE B 128 7.43 -5.21 -13.90
N ARG B 129 7.27 -5.84 -12.73
CA ARG B 129 7.81 -7.15 -12.49
C ARG B 129 7.21 -8.13 -13.50
N VAL B 130 5.92 -7.95 -13.76
CA VAL B 130 5.20 -8.85 -14.64
C VAL B 130 5.67 -8.69 -16.08
N ALA B 131 5.91 -7.45 -16.50
CA ALA B 131 6.39 -7.22 -17.87
C ALA B 131 7.79 -7.77 -18.08
N ARG B 132 8.62 -7.67 -17.04
CA ARG B 132 9.99 -8.21 -17.08
C ARG B 132 9.98 -9.74 -17.15
N ALA B 133 9.14 -10.36 -16.33
CA ALA B 133 8.95 -11.80 -16.35
C ALA B 133 8.45 -12.25 -17.72
N TYR B 134 7.51 -11.52 -18.28
CA TYR B 134 6.90 -11.92 -19.54
C TYR B 134 7.83 -11.81 -20.75
N THR B 135 8.56 -10.70 -20.83
CA THR B 135 9.40 -10.43 -22.00
C THR B 135 10.77 -11.08 -21.85
N GLY B 136 11.21 -11.22 -20.60
CA GLY B 136 12.56 -11.67 -20.32
C GLY B 136 13.53 -10.50 -20.35
N ARG B 137 12.99 -9.29 -20.38
CA ARG B 137 13.84 -8.09 -20.44
C ARG B 137 13.87 -7.34 -19.11
N THR B 138 14.82 -6.42 -19.00
CA THR B 138 15.10 -5.74 -17.73
C THR B 138 14.73 -4.26 -17.67
N LYS B 139 15.06 -3.52 -18.72
CA LYS B 139 14.91 -2.07 -18.70
C LYS B 139 13.47 -1.60 -18.88
N ILE B 140 13.20 -0.41 -18.36
CA ILE B 140 11.87 0.17 -18.39
C ILE B 140 11.96 1.60 -18.91
N MSE B 141 11.03 1.97 -19.78
CA MSE B 141 10.99 3.34 -20.27
C MSE B 141 9.83 4.08 -19.61
O MSE B 141 8.86 3.47 -19.18
CB MSE B 141 10.85 3.36 -21.79
CG MSE B 141 11.18 4.70 -22.47
SE MSE B 141 11.33 4.43 -24.43
CE MSE B 141 12.43 2.86 -24.40
N LYS B 142 9.94 5.41 -19.50
CA LYS B 142 8.87 6.23 -18.96
C LYS B 142 9.00 7.64 -19.51
N PHE B 143 8.01 8.48 -19.23
CA PHE B 143 8.02 9.85 -19.77
C PHE B 143 8.42 10.83 -18.69
N ALA B 144 9.25 11.80 -19.06
CA ALA B 144 9.81 12.74 -18.10
C ALA B 144 8.72 13.40 -17.30
N GLY B 145 8.92 13.48 -15.98
CA GLY B 145 8.03 14.21 -15.09
C GLY B 145 6.82 13.42 -14.64
N CYS B 146 6.49 12.33 -15.33
CA CYS B 146 5.35 11.52 -14.94
C CYS B 146 5.64 10.77 -13.62
N TYR B 147 4.61 10.67 -12.79
CA TYR B 147 4.73 10.04 -11.48
C TYR B 147 4.09 8.66 -11.48
N HIS B 148 4.84 7.65 -11.04
CA HIS B 148 4.30 6.28 -11.02
C HIS B 148 4.38 5.65 -9.63
N GLY B 149 4.32 6.49 -8.60
CA GLY B 149 4.36 6.00 -7.24
C GLY B 149 5.72 6.20 -6.59
N HIS B 150 5.94 5.59 -5.43
CA HIS B 150 7.20 5.82 -4.73
C HIS B 150 8.08 4.57 -4.56
N SER B 151 8.05 3.64 -5.52
CA SER B 151 9.01 2.52 -5.50
C SER B 151 10.33 2.99 -6.13
N ASP B 152 11.44 2.38 -5.73
CA ASP B 152 12.77 2.80 -6.23
C ASP B 152 12.84 3.03 -7.75
N LEU B 153 12.31 2.11 -8.54
CA LEU B 153 12.51 2.19 -9.98
C LEU B 153 11.88 3.45 -10.60
N VAL B 154 10.72 3.85 -10.11
CA VAL B 154 10.06 5.01 -10.67
C VAL B 154 10.52 6.32 -10.01
N LEU B 155 11.50 6.21 -9.13
CA LEU B 155 12.11 7.41 -8.53
C LEU B 155 13.45 7.72 -9.23
N VAL B 156 13.41 7.71 -10.56
CA VAL B 156 14.62 7.91 -11.38
C VAL B 156 14.35 9.00 -12.42
N ALA B 157 15.35 9.83 -12.69
CA ALA B 157 15.17 10.90 -13.67
C ALA B 157 15.99 10.62 -14.93
N ALA B 158 15.79 11.44 -15.97
CA ALA B 158 16.73 11.43 -17.10
C ALA B 158 18.14 11.63 -16.50
N GLY B 159 19.19 11.14 -17.15
CA GLY B 159 19.21 10.87 -18.56
C GLY B 159 19.96 12.06 -19.15
N SER B 160 21.27 12.10 -18.93
CA SER B 160 22.10 13.22 -19.40
C SER B 160 22.44 13.09 -20.89
N GLY B 161 21.60 13.66 -21.73
CA GLY B 161 21.79 13.55 -23.17
C GLY B 161 20.76 12.61 -23.77
N PRO B 162 20.67 12.60 -25.10
CA PRO B 162 19.62 11.87 -25.81
C PRO B 162 19.61 10.36 -25.47
N SER B 163 18.42 9.83 -25.17
CA SER B 163 18.23 8.41 -24.96
C SER B 163 19.34 7.82 -24.09
N THR B 164 19.39 8.19 -22.82
CA THR B 164 20.42 7.65 -21.94
C THR B 164 19.82 6.91 -20.75
N LEU B 165 20.69 6.25 -19.99
CA LEU B 165 20.28 5.56 -18.77
C LEU B 165 19.98 6.59 -17.68
N GLY B 166 19.10 6.23 -16.75
CA GLY B 166 18.65 7.19 -15.74
C GLY B 166 19.69 7.57 -14.70
N THR B 167 19.37 8.59 -13.90
CA THR B 167 20.11 8.89 -12.69
C THR B 167 19.09 8.93 -11.54
N PRO B 168 19.54 8.61 -10.30
CA PRO B 168 18.61 8.61 -9.17
C PRO B 168 17.98 9.96 -8.92
N ASP B 169 16.67 9.98 -8.68
CA ASP B 169 15.96 11.22 -8.37
C ASP B 169 15.54 11.30 -6.90
N SER B 170 16.03 10.35 -6.10
CA SER B 170 15.86 10.41 -4.65
C SER B 170 17.13 9.83 -4.01
N ALA B 171 17.49 10.33 -2.83
CA ALA B 171 18.58 9.69 -2.12
C ALA B 171 18.12 8.27 -1.78
N GLY B 172 19.05 7.35 -1.63
CA GLY B 172 18.69 6.00 -1.21
C GLY B 172 18.34 5.08 -2.37
N VAL B 173 18.29 5.64 -3.58
CA VAL B 173 18.02 4.88 -4.80
C VAL B 173 19.35 4.70 -5.55
N PRO B 174 19.84 3.45 -5.63
CA PRO B 174 21.19 3.19 -6.14
C PRO B 174 21.29 3.40 -7.66
N GLN B 175 22.49 3.60 -8.16
CA GLN B 175 22.64 3.84 -9.59
C GLN B 175 22.31 2.55 -10.33
N SER B 176 22.50 1.43 -9.65
CA SER B 176 22.12 0.12 -10.18
C SER B 176 20.62 0.07 -10.53
N ILE B 177 19.80 0.79 -9.78
CA ILE B 177 18.36 0.89 -10.09
C ILE B 177 18.12 1.85 -11.27
N ALA B 178 18.74 3.02 -11.20
CA ALA B 178 18.55 4.04 -12.21
C ALA B 178 19.01 3.58 -13.59
N GLN B 179 20.00 2.68 -13.60
CA GLN B 179 20.57 2.16 -14.84
C GLN B 179 19.55 1.36 -15.67
N GLU B 180 18.46 0.97 -15.06
CA GLU B 180 17.43 0.18 -15.72
C GLU B 180 16.31 1.01 -16.34
N VAL B 181 16.42 2.33 -16.25
CA VAL B 181 15.31 3.22 -16.66
C VAL B 181 15.76 4.25 -17.69
N ILE B 182 15.00 4.35 -18.77
CA ILE B 182 15.23 5.37 -19.79
C ILE B 182 14.05 6.34 -19.79
N THR B 183 14.33 7.63 -19.62
CA THR B 183 13.26 8.62 -19.58
C THR B 183 13.30 9.49 -20.82
N VAL B 184 12.13 9.73 -21.43
CA VAL B 184 12.03 10.62 -22.60
C VAL B 184 10.80 11.52 -22.43
N PRO B 185 10.79 12.69 -23.10
CA PRO B 185 9.72 13.69 -22.94
C PRO B 185 8.36 13.16 -23.40
N PHE B 186 7.33 13.45 -22.61
CA PHE B 186 5.94 13.18 -22.98
C PHE B 186 5.60 14.00 -24.22
N ASN B 187 4.81 13.41 -25.13
CA ASN B 187 4.31 14.09 -26.31
C ASN B 187 5.35 14.32 -27.41
N ASN B 188 6.43 13.56 -27.39
CA ASN B 188 7.49 13.73 -28.36
C ASN B 188 7.74 12.41 -29.08
N VAL B 189 7.33 12.35 -30.33
CA VAL B 189 7.47 11.11 -31.09
C VAL B 189 8.94 10.83 -31.43
N GLU B 190 9.66 11.85 -31.85
CA GLU B 190 11.05 11.74 -32.29
CA GLU B 190 11.02 11.64 -32.31
C GLU B 190 11.96 11.10 -31.23
N THR B 191 11.93 11.66 -30.02
CA THR B 191 12.77 11.13 -28.94
C THR B 191 12.36 9.72 -28.53
N LEU B 192 11.07 9.43 -28.58
CA LEU B 192 10.62 8.07 -28.31
C LEU B 192 11.23 7.11 -29.36
N LYS B 193 11.16 7.50 -30.62
CA LYS B 193 11.75 6.70 -31.69
C LYS B 193 13.25 6.46 -31.44
N GLU B 194 13.95 7.54 -31.06
CA GLU B 194 15.40 7.49 -30.83
C GLU B 194 15.76 6.47 -29.75
N ALA B 195 15.03 6.55 -28.63
CA ALA B 195 15.30 5.70 -27.48
C ALA B 195 15.05 4.24 -27.79
N LEU B 196 13.96 3.96 -28.50
CA LEU B 196 13.61 2.57 -28.86
C LEU B 196 14.59 1.96 -29.88
N ASP B 197 15.00 2.75 -30.86
CA ASP B 197 16.06 2.33 -31.79
C ASP B 197 17.32 1.96 -31.00
N LYS B 198 17.66 2.79 -30.03
CA LYS B 198 18.85 2.63 -29.20
C LYS B 198 18.79 1.48 -28.18
N TRP B 199 17.70 1.42 -27.41
CA TRP B 199 17.55 0.44 -26.32
C TRP B 199 16.39 -0.55 -26.50
N GLY B 200 15.52 -0.29 -27.48
CA GLY B 200 14.30 -1.08 -27.65
C GLY B 200 14.39 -2.56 -27.34
N HIS B 201 15.52 -3.18 -27.70
CA HIS B 201 15.66 -4.62 -27.51
C HIS B 201 15.97 -5.06 -26.07
N GLU B 202 16.18 -4.10 -25.18
CA GLU B 202 16.42 -4.41 -23.76
C GLU B 202 15.29 -3.91 -22.87
N VAL B 203 14.27 -3.32 -23.48
CA VAL B 203 13.17 -2.69 -22.76
C VAL B 203 12.01 -3.66 -22.62
N ALA B 204 11.64 -3.92 -21.37
CA ALA B 204 10.55 -4.81 -21.06
C ALA B 204 9.21 -4.11 -21.30
N ALA B 205 9.16 -2.82 -20.95
CA ALA B 205 7.92 -2.07 -21.02
C ALA B 205 8.18 -0.58 -20.94
N ILE B 206 7.20 0.18 -21.45
CA ILE B 206 7.15 1.62 -21.19
C ILE B 206 5.97 1.88 -20.23
N LEU B 207 6.15 2.86 -19.35
CA LEU B 207 5.09 3.30 -18.45
C LEU B 207 4.53 4.58 -19.00
N VAL B 208 3.20 4.68 -19.06
CA VAL B 208 2.53 5.86 -19.58
C VAL B 208 1.36 6.29 -18.69
N GLU B 209 1.34 7.55 -18.26
CA GLU B 209 0.09 8.18 -17.84
C GLU B 209 -0.64 8.58 -19.13
N PRO B 210 -1.70 7.85 -19.50
CA PRO B 210 -2.24 8.08 -20.86
C PRO B 210 -2.71 9.52 -20.98
N ILE B 211 -3.25 10.05 -19.88
CA ILE B 211 -3.47 11.48 -19.71
C ILE B 211 -2.71 11.83 -18.44
N VAL B 212 -1.89 12.85 -18.53
CA VAL B 212 -1.01 13.20 -17.43
C VAL B 212 -1.78 13.99 -16.39
N GLY B 213 -1.53 13.69 -15.11
CA GLY B 213 -2.15 14.43 -14.02
C GLY B 213 -1.12 14.89 -13.00
N ASN B 214 0.16 14.63 -13.28
CA ASN B 214 1.20 14.83 -12.30
C ASN B 214 2.19 15.96 -12.61
N PHE B 215 1.98 16.64 -13.73
CA PHE B 215 2.56 17.97 -13.87
C PHE B 215 1.50 18.86 -14.45
N GLY B 216 0.40 18.92 -13.68
CA GLY B 216 -0.86 19.48 -14.16
C GLY B 216 -1.51 18.45 -15.06
N ILE B 217 -2.76 18.72 -15.43
CA ILE B 217 -3.46 17.95 -16.48
C ILE B 217 -2.84 18.25 -17.83
N VAL B 218 -2.34 17.22 -18.50
CA VAL B 218 -1.80 17.41 -19.84
C VAL B 218 -2.25 16.24 -20.71
N GLU B 219 -2.99 16.53 -21.77
CA GLU B 219 -3.49 15.50 -22.67
C GLU B 219 -2.42 15.06 -23.67
N PRO B 220 -2.47 13.79 -24.09
CA PRO B 220 -1.58 13.36 -25.19
C PRO B 220 -2.02 14.06 -26.48
N LYS B 221 -1.06 14.44 -27.33
CA LYS B 221 -1.38 15.06 -28.61
C LYS B 221 -2.04 14.03 -29.50
N PRO B 222 -2.78 14.48 -30.53
CA PRO B 222 -3.37 13.53 -31.48
C PRO B 222 -2.29 12.60 -32.02
N GLY B 223 -2.61 11.32 -32.16
CA GLY B 223 -1.66 10.34 -32.69
C GLY B 223 -0.59 9.86 -31.71
N PHE B 224 -0.39 10.57 -30.60
CA PHE B 224 0.70 10.19 -29.70
C PHE B 224 0.54 8.78 -29.06
N LEU B 225 -0.56 8.52 -28.36
CA LEU B 225 -0.72 7.20 -27.75
C LEU B 225 -0.69 6.11 -28.81
N GLU B 226 -1.31 6.36 -29.96
CA GLU B 226 -1.27 5.42 -31.06
C GLU B 226 0.19 5.12 -31.47
N LYS B 227 1.02 6.16 -31.47
CA LYS B 227 2.43 6.00 -31.85
C LYS B 227 3.25 5.29 -30.77
N VAL B 228 2.97 5.58 -29.50
CA VAL B 228 3.61 4.84 -28.43
C VAL B 228 3.37 3.33 -28.65
N ASN B 229 2.12 2.93 -28.82
CA ASN B 229 1.82 1.51 -29.05
C ASN B 229 2.59 0.95 -30.24
N GLU B 230 2.54 1.68 -31.36
CA GLU B 230 3.18 1.22 -32.58
C GLU B 230 4.66 0.98 -32.34
N LEU B 231 5.35 2.02 -31.86
CA LEU B 231 6.80 1.96 -31.69
C LEU B 231 7.24 0.90 -30.66
N VAL B 232 6.56 0.89 -29.51
CA VAL B 232 6.90 -0.02 -28.44
C VAL B 232 6.67 -1.47 -28.86
N HIS B 233 5.51 -1.77 -29.45
CA HIS B 233 5.27 -3.14 -29.91
C HIS B 233 6.30 -3.56 -30.98
N GLU B 234 6.55 -2.70 -31.95
CA GLU B 234 7.58 -2.97 -32.95
C GLU B 234 8.80 -3.54 -32.26
N ALA B 235 9.18 -2.93 -31.15
CA ALA B 235 10.40 -3.25 -30.40
C ALA B 235 10.30 -4.52 -29.56
N GLY B 236 9.11 -5.08 -29.40
CA GLY B 236 8.93 -6.31 -28.62
C GLY B 236 8.71 -6.01 -27.15
N ALA B 237 8.52 -4.73 -26.84
CA ALA B 237 8.22 -4.30 -25.48
C ALA B 237 6.71 -4.24 -25.27
N LEU B 238 6.31 -4.08 -24.00
CA LEU B 238 4.90 -3.98 -23.63
C LEU B 238 4.55 -2.53 -23.26
N VAL B 239 3.27 -2.20 -23.38
CA VAL B 239 2.79 -0.91 -22.93
C VAL B 239 1.96 -1.01 -21.63
N ILE B 240 2.41 -0.32 -20.60
CA ILE B 240 1.69 -0.27 -19.32
C ILE B 240 1.06 1.09 -19.19
N TYR B 241 -0.27 1.13 -19.14
CA TYR B 241 -0.97 2.37 -18.85
C TYR B 241 -1.13 2.48 -17.34
N ASP B 242 -0.52 3.51 -16.76
CA ASP B 242 -0.73 3.83 -15.36
C ASP B 242 -2.00 4.68 -15.32
N GLU B 243 -3.12 4.04 -15.04
CA GLU B 243 -4.40 4.72 -14.97
C GLU B 243 -4.84 5.02 -13.55
N VAL B 244 -3.89 5.11 -12.62
CA VAL B 244 -4.19 5.32 -11.21
C VAL B 244 -4.97 6.62 -10.98
N ILE B 245 -4.64 7.68 -11.73
CA ILE B 245 -5.48 8.89 -11.76
C ILE B 245 -6.63 8.81 -12.76
N THR B 246 -6.34 8.39 -13.99
CA THR B 246 -7.30 8.55 -15.09
C THR B 246 -8.55 7.70 -15.02
N ALA B 247 -8.43 6.47 -14.50
CA ALA B 247 -9.57 5.55 -14.54
C ALA B 247 -10.71 6.10 -13.68
N PHE B 248 -11.90 6.17 -14.28
CA PHE B 248 -13.14 6.61 -13.61
C PHE B 248 -13.18 8.08 -13.25
N ARG B 249 -12.18 8.81 -13.72
CA ARG B 249 -12.12 10.25 -13.51
C ARG B 249 -12.82 11.01 -14.65
N PHE B 250 -12.73 10.48 -15.88
CA PHE B 250 -13.26 11.19 -17.06
C PHE B 250 -14.48 10.55 -17.74
N MSE B 251 -14.69 9.26 -17.52
CA MSE B 251 -15.88 8.57 -17.99
C MSE B 251 -15.93 7.34 -17.12
O MSE B 251 -15.02 7.11 -16.32
CB MSE B 251 -15.73 8.15 -19.47
CG MSE B 251 -14.61 7.13 -19.69
SE MSE B 251 -14.73 6.18 -21.40
CE MSE B 251 -16.52 5.41 -21.19
N TYR B 252 -16.99 6.54 -17.23
CA TYR B 252 -17.05 5.26 -16.54
C TYR B 252 -16.16 4.30 -17.29
N GLY B 253 -14.90 4.24 -16.92
CA GLY B 253 -13.90 3.48 -17.66
C GLY B 253 -12.58 4.21 -17.61
N GLY B 254 -11.59 3.72 -18.36
CA GLY B 254 -10.27 4.33 -18.29
C GLY B 254 -10.06 5.30 -19.41
N ALA B 255 -8.93 6.01 -19.39
CA ALA B 255 -8.53 6.80 -20.54
C ALA B 255 -8.39 5.89 -21.76
N GLN B 256 -8.01 4.62 -21.56
CA GLN B 256 -7.86 3.69 -22.69
C GLN B 256 -9.19 3.46 -23.41
N ASP B 257 -10.28 3.51 -22.67
CA ASP B 257 -11.60 3.37 -23.27
C ASP B 257 -12.04 4.70 -23.84
N LEU B 258 -11.69 5.79 -23.15
CA LEU B 258 -12.04 7.12 -23.64
C LEU B 258 -11.34 7.39 -24.98
N LEU B 259 -10.05 7.09 -25.03
CA LEU B 259 -9.22 7.50 -26.17
C LEU B 259 -9.07 6.40 -27.20
N GLY B 260 -9.61 5.23 -26.90
CA GLY B 260 -9.62 4.14 -27.85
C GLY B 260 -8.27 3.54 -28.19
N VAL B 261 -7.35 3.57 -27.25
CA VAL B 261 -6.05 2.92 -27.44
C VAL B 261 -5.80 1.93 -26.30
N THR B 262 -5.38 0.72 -26.66
CA THR B 262 -5.30 -0.38 -25.70
C THR B 262 -3.89 -0.80 -25.29
N PRO B 263 -3.58 -0.69 -23.98
CA PRO B 263 -2.29 -1.13 -23.43
C PRO B 263 -2.23 -2.64 -23.26
N ASP B 264 -1.09 -3.16 -22.81
CA ASP B 264 -0.96 -4.60 -22.53
C ASP B 264 -1.25 -4.86 -21.06
N LEU B 265 -0.92 -3.89 -20.23
CA LEU B 265 -1.22 -3.95 -18.81
C LEU B 265 -1.68 -2.60 -18.35
N THR B 266 -2.44 -2.58 -17.26
CA THR B 266 -2.96 -1.34 -16.69
C THR B 266 -2.79 -1.34 -15.17
N ALA B 267 -2.36 -0.21 -14.63
CA ALA B 267 -2.34 -0.03 -13.18
C ALA B 267 -3.46 0.89 -12.75
N LEU B 268 -4.11 0.54 -11.63
CA LEU B 268 -5.28 1.27 -11.14
C LEU B 268 -5.15 1.56 -9.67
N GLY B 269 -5.96 2.50 -9.19
CA GLY B 269 -6.02 2.80 -7.77
C GLY B 269 -6.87 4.04 -7.57
N1 LLP B 270 0.63 6.57 -10.47
C2 LLP B 270 -0.04 7.76 -10.68
C2' LLP B 270 -0.22 8.26 -12.10
C3 LLP B 270 -0.55 8.48 -9.60
O3 LLP B 270 -1.18 9.55 -9.74
C4 LLP B 270 -0.39 7.98 -8.31
C4' LLP B 270 -0.98 8.79 -7.20
C5 LLP B 270 0.31 6.79 -8.12
C6 LLP B 270 0.82 6.08 -9.20
C5' LLP B 270 0.52 6.26 -6.73
OP4 LLP B 270 -0.61 5.70 -6.04
P LLP B 270 -0.51 5.55 -4.45
OP1 LLP B 270 -1.82 4.93 -4.12
OP2 LLP B 270 -0.35 6.93 -3.98
OP3 LLP B 270 0.65 4.66 -4.22
N LLP B 270 -6.53 4.84 -6.57
CA LLP B 270 -7.19 6.13 -6.31
CB LLP B 270 -6.58 7.26 -7.17
CG LLP B 270 -5.17 7.69 -6.64
CD LLP B 270 -4.67 9.03 -7.26
CE LLP B 270 -3.26 9.49 -6.70
NZ LLP B 270 -2.15 9.27 -7.68
C LLP B 270 -8.73 6.04 -6.36
O LLP B 270 -9.33 5.64 -5.37
N VAL B 271 -9.36 6.40 -7.48
CA VAL B 271 -10.85 6.44 -7.51
C VAL B 271 -11.54 5.11 -7.17
N ILE B 272 -11.00 3.99 -7.67
CA ILE B 272 -11.68 2.70 -7.58
C ILE B 272 -11.82 2.15 -6.15
N GLY B 273 -11.22 2.83 -5.16
CA GLY B 273 -11.38 2.36 -3.79
C GLY B 273 -12.46 3.08 -2.98
N GLY B 274 -13.12 4.06 -3.60
CA GLY B 274 -14.11 4.89 -2.88
C GLY B 274 -13.54 5.72 -1.74
N GLY B 275 -12.23 5.89 -1.70
CA GLY B 275 -11.55 6.64 -0.62
C GLY B 275 -10.67 5.77 0.25
N LEU B 276 -10.93 4.46 0.26
CA LEU B 276 -10.11 3.53 1.04
C LEU B 276 -8.88 3.09 0.24
N PRO B 277 -7.85 2.64 0.95
CA PRO B 277 -6.60 2.30 0.28
C PRO B 277 -6.80 1.17 -0.69
N ILE B 278 -6.25 1.30 -1.89
CA ILE B 278 -6.44 0.23 -2.89
C ILE B 278 -5.52 0.41 -4.07
N GLY B 279 -5.32 -0.68 -4.80
CA GLY B 279 -4.65 -0.71 -6.10
C GLY B 279 -5.16 -1.93 -6.83
N ALA B 280 -4.98 -1.97 -8.14
CA ALA B 280 -5.29 -3.14 -8.88
C ALA B 280 -4.44 -3.05 -10.14
N TYR B 281 -4.23 -4.17 -10.81
CA TYR B 281 -3.60 -4.13 -12.13
C TYR B 281 -4.27 -5.23 -12.92
N GLY B 282 -4.21 -5.15 -14.24
CA GLY B 282 -4.90 -6.12 -15.09
C GLY B 282 -4.48 -5.92 -16.52
N GLY B 283 -4.94 -6.81 -17.41
CA GLY B 283 -4.59 -6.74 -18.82
C GLY B 283 -4.77 -8.06 -19.55
N LYS B 284 -4.02 -8.20 -20.65
CA LYS B 284 -4.11 -9.37 -21.50
C LYS B 284 -3.89 -10.66 -20.71
N LYS B 285 -4.75 -11.65 -20.98
CA LYS B 285 -4.72 -12.93 -20.28
C LYS B 285 -3.31 -13.52 -20.10
N GLU B 286 -2.61 -13.72 -21.22
CA GLU B 286 -1.30 -14.38 -21.23
C GLU B 286 -0.28 -13.65 -20.35
N ILE B 287 -0.38 -12.32 -20.29
CA ILE B 287 0.55 -11.54 -19.49
C ILE B 287 0.28 -11.75 -18.00
N MSE B 288 -0.97 -11.61 -17.60
CA MSE B 288 -1.36 -11.72 -16.20
C MSE B 288 -1.07 -13.11 -15.61
O MSE B 288 -0.87 -13.26 -14.40
CB MSE B 288 -2.84 -11.34 -16.02
CG MSE B 288 -3.09 -9.86 -16.29
SE MSE B 288 -2.28 -8.74 -14.92
CE MSE B 288 -3.21 -9.48 -13.37
N GLU B 289 -1.01 -14.12 -16.47
CA GLU B 289 -0.82 -15.49 -16.02
C GLU B 289 0.60 -15.77 -15.54
N GLN B 290 1.47 -14.77 -15.63
CA GLN B 290 2.79 -14.84 -15.04
C GLN B 290 2.73 -14.72 -13.50
N VAL B 291 1.64 -14.15 -12.98
CA VAL B 291 1.54 -13.87 -11.55
C VAL B 291 1.22 -15.13 -10.75
N ALA B 292 1.99 -15.35 -9.69
CA ALA B 292 1.72 -16.45 -8.75
C ALA B 292 0.30 -16.32 -8.22
N PRO B 293 -0.32 -17.46 -7.87
CA PRO B 293 0.24 -18.81 -7.92
C PRO B 293 0.25 -19.41 -9.31
N LEU B 294 -0.26 -18.69 -10.29
CA LEU B 294 -0.35 -19.25 -11.64
C LEU B 294 1.02 -19.22 -12.32
N GLY B 295 1.66 -18.06 -12.31
CA GLY B 295 3.01 -17.94 -12.86
C GLY B 295 4.07 -17.74 -11.79
N PRO B 296 5.31 -17.47 -12.21
CA PRO B 296 6.45 -17.34 -11.30
C PRO B 296 6.66 -15.93 -10.74
N ALA B 297 5.98 -14.94 -11.31
CA ALA B 297 6.07 -13.56 -10.84
C ALA B 297 5.30 -13.40 -9.54
N TYR B 298 5.99 -13.01 -8.48
CA TYR B 298 5.38 -12.93 -7.16
C TYR B 298 4.75 -11.57 -6.87
N GLN B 299 3.52 -11.61 -6.37
CA GLN B 299 2.85 -10.43 -5.88
C GLN B 299 1.89 -10.84 -4.77
N ALA B 300 1.84 -10.09 -3.70
CA ALA B 300 0.97 -10.45 -2.59
C ALA B 300 0.50 -9.19 -1.88
N GLY B 301 0.18 -9.29 -0.61
CA GLY B 301 -0.27 -8.12 0.14
C GLY B 301 -1.31 -8.53 1.14
N THR B 302 -1.02 -8.27 2.40
CA THR B 302 -1.88 -8.69 3.48
C THR B 302 -3.29 -8.09 3.38
N MSE B 303 -3.39 -6.81 3.05
CA MSE B 303 -4.71 -6.19 2.89
C MSE B 303 -5.26 -6.21 1.45
O MSE B 303 -6.30 -5.61 1.18
CB MSE B 303 -4.73 -4.76 3.46
CG MSE B 303 -4.83 -4.70 5.00
SE MSE B 303 -3.00 -4.82 5.71
CE MSE B 303 -3.29 -4.27 7.57
N ALA B 304 -4.55 -6.89 0.55
CA ALA B 304 -4.96 -6.92 -0.85
C ALA B 304 -6.34 -7.59 -0.99
N GLY B 305 -7.26 -6.92 -1.68
CA GLY B 305 -8.60 -7.42 -1.83
C GLY B 305 -9.44 -7.52 -0.57
N ASN B 306 -9.06 -6.79 0.47
CA ASN B 306 -9.81 -6.85 1.72
C ASN B 306 -11.29 -6.46 1.51
N PRO B 307 -12.17 -7.03 2.32
CA PRO B 307 -13.59 -6.77 2.23
C PRO B 307 -14.02 -5.29 2.38
N ALA B 308 -13.33 -4.48 3.20
CA ALA B 308 -13.69 -3.06 3.29
C ALA B 308 -13.41 -2.34 1.98
N SER B 309 -12.19 -2.42 1.46
CA SER B 309 -11.91 -1.73 0.19
C SER B 309 -12.77 -2.26 -0.99
N MSE B 310 -13.04 -3.57 -1.03
CA MSE B 310 -13.90 -4.10 -2.09
C MSE B 310 -15.29 -3.48 -1.98
O MSE B 310 -15.85 -3.01 -2.97
CB MSE B 310 -14.04 -5.63 -2.02
CG MSE B 310 -12.73 -6.43 -2.16
SE MSE B 310 -11.76 -6.10 -3.83
CE MSE B 310 -10.56 -4.68 -3.26
N ALA B 311 -15.83 -3.47 -0.77
CA ALA B 311 -17.17 -2.95 -0.57
C ALA B 311 -17.28 -1.47 -0.93
N SER B 312 -16.28 -0.67 -0.56
CA SER B 312 -16.34 0.77 -0.80
C SER B 312 -16.05 1.06 -2.27
N GLY B 313 -15.20 0.27 -2.87
CA GLY B 313 -14.94 0.38 -4.29
C GLY B 313 -16.20 0.08 -5.09
N ILE B 314 -16.86 -1.01 -4.77
CA ILE B 314 -18.13 -1.34 -5.43
C ILE B 314 -19.13 -0.19 -5.30
N ALA B 315 -19.30 0.31 -4.08
CA ALA B 315 -20.25 1.38 -3.83
C ALA B 315 -19.91 2.60 -4.66
N CYS B 316 -18.63 2.91 -4.73
CA CYS B 316 -18.20 4.08 -5.48
C CYS B 316 -18.55 3.92 -6.96
N LEU B 317 -18.17 2.81 -7.58
CA LEU B 317 -18.51 2.63 -8.99
C LEU B 317 -20.04 2.64 -9.21
N GLU B 318 -20.81 2.14 -8.26
CA GLU B 318 -22.28 2.16 -8.39
C GLU B 318 -22.79 3.60 -8.48
N VAL B 319 -22.22 4.48 -7.66
CA VAL B 319 -22.49 5.91 -7.81
C VAL B 319 -22.09 6.43 -9.21
N LEU B 320 -20.89 6.07 -9.66
CA LEU B 320 -20.37 6.62 -10.91
C LEU B 320 -21.10 6.12 -12.15
N GLN B 321 -22.00 5.15 -11.96
CA GLN B 321 -22.75 4.56 -13.08
C GLN B 321 -23.93 5.42 -13.47
N GLN B 322 -24.24 6.41 -12.65
CA GLN B 322 -25.43 7.22 -12.89
C GLN B 322 -25.32 7.94 -14.23
N GLU B 323 -26.41 7.93 -14.98
CA GLU B 323 -26.46 8.59 -16.28
C GLU B 323 -26.25 10.09 -16.17
N GLY B 324 -25.54 10.64 -17.14
CA GLY B 324 -25.29 12.07 -17.21
C GLY B 324 -24.29 12.59 -16.19
N LEU B 325 -23.63 11.69 -15.46
CA LEU B 325 -22.74 12.13 -14.36
C LEU B 325 -21.45 12.78 -14.86
N TYR B 326 -20.79 12.16 -15.83
CA TYR B 326 -19.55 12.76 -16.28
C TYR B 326 -19.80 13.99 -17.15
N GLU B 327 -20.96 14.03 -17.79
CA GLU B 327 -21.34 15.19 -18.56
C GLU B 327 -21.53 16.41 -17.66
N LYS B 328 -22.09 16.22 -16.47
CA LYS B 328 -22.24 17.30 -15.48
C LYS B 328 -20.87 17.81 -15.01
N LEU B 329 -19.92 16.90 -14.79
CA LEU B 329 -18.55 17.30 -14.41
C LEU B 329 -17.90 18.16 -15.49
N ASP B 330 -18.09 17.75 -16.74
CA ASP B 330 -17.62 18.49 -17.91
C ASP B 330 -18.22 19.90 -17.98
N GLU B 331 -19.54 19.99 -17.80
CA GLU B 331 -20.28 21.26 -17.85
C GLU B 331 -19.76 22.24 -16.81
N LEU B 332 -19.63 21.78 -15.57
CA LEU B 332 -19.16 22.62 -14.48
C LEU B 332 -17.70 22.99 -14.65
N GLY B 333 -16.92 22.03 -15.16
CA GLY B 333 -15.54 22.29 -15.53
C GLY B 333 -15.43 23.41 -16.55
N ALA B 334 -16.27 23.36 -17.59
CA ALA B 334 -16.25 24.42 -18.60
C ALA B 334 -16.61 25.78 -17.98
N THR B 335 -17.55 25.78 -17.05
CA THR B 335 -17.94 27.03 -16.40
C THR B 335 -16.78 27.59 -15.62
N LEU B 336 -16.12 26.74 -14.86
CA LEU B 336 -14.96 27.10 -14.05
C LEU B 336 -13.81 27.61 -14.92
N GLU B 337 -13.50 26.87 -15.98
CA GLU B 337 -12.43 27.29 -16.92
C GLU B 337 -12.74 28.68 -17.45
N LYS B 338 -13.94 28.84 -17.99
CA LYS B 338 -14.34 30.12 -18.54
C LYS B 338 -14.11 31.26 -17.54
N GLY B 339 -14.59 31.07 -16.32
CA GLY B 339 -14.51 32.10 -15.28
C GLY B 339 -13.10 32.45 -14.86
N ILE B 340 -12.23 31.45 -14.74
CA ILE B 340 -10.85 31.69 -14.34
C ILE B 340 -10.14 32.49 -15.44
N LEU B 341 -10.37 32.11 -16.70
CA LEU B 341 -9.75 32.78 -17.84
C LEU B 341 -10.21 34.22 -17.92
N GLU B 342 -11.50 34.45 -17.66
CA GLU B 342 -12.05 35.81 -17.62
C GLU B 342 -11.45 36.66 -16.51
N GLN B 343 -11.24 36.07 -15.33
CA GLN B 343 -10.59 36.82 -14.24
C GLN B 343 -9.14 37.15 -14.54
N ALA B 344 -8.42 36.22 -15.16
CA ALA B 344 -7.03 36.44 -15.56
C ALA B 344 -6.90 37.58 -16.57
N ALA B 345 -7.79 37.58 -17.58
CA ALA B 345 -7.80 38.67 -18.55
C ALA B 345 -8.14 39.98 -17.86
N LYS B 346 -9.11 39.93 -16.96
CA LYS B 346 -9.54 41.14 -16.30
C LYS B 346 -8.41 41.77 -15.53
N HIS B 347 -7.64 40.95 -14.82
CA HIS B 347 -6.63 41.46 -13.89
C HIS B 347 -5.21 41.39 -14.44
N ASN B 348 -5.10 41.16 -15.75
CA ASN B 348 -3.80 41.10 -16.42
CA ASN B 348 -3.81 41.09 -16.43
C ASN B 348 -2.84 40.13 -15.73
N ILE B 349 -3.32 38.94 -15.43
CA ILE B 349 -2.46 37.90 -14.89
C ILE B 349 -2.22 36.95 -16.04
N ASP B 350 -0.97 36.52 -16.22
CA ASP B 350 -0.63 35.57 -17.29
C ASP B 350 -0.87 34.13 -16.84
N ILE B 351 -1.86 33.47 -17.44
CA ILE B 351 -2.11 32.06 -17.14
C ILE B 351 -2.36 31.27 -18.40
N THR B 352 -2.16 29.97 -18.28
CA THR B 352 -2.53 29.00 -19.29
C THR B 352 -3.36 27.99 -18.50
N LEU B 353 -4.39 27.42 -19.12
CA LEU B 353 -5.24 26.48 -18.39
C LEU B 353 -5.52 25.24 -19.23
N ASN B 354 -5.14 24.07 -18.67
CA ASN B 354 -5.44 22.79 -19.30
C ASN B 354 -6.60 22.14 -18.56
N ARG B 355 -7.68 21.85 -19.26
CA ARG B 355 -8.77 21.15 -18.61
C ARG B 355 -9.19 19.96 -19.47
N LEU B 356 -9.51 18.85 -18.82
CA LEU B 356 -10.25 17.81 -19.47
C LEU B 356 -11.40 17.46 -18.54
N LYS B 357 -12.62 17.69 -19.03
CA LYS B 357 -13.82 17.43 -18.26
C LYS B 357 -13.75 18.11 -16.88
N GLY B 358 -13.83 17.34 -15.79
CA GLY B 358 -13.82 17.94 -14.44
C GLY B 358 -12.47 18.06 -13.74
N ALA B 359 -11.40 18.11 -14.50
CA ALA B 359 -10.06 18.24 -13.90
C ALA B 359 -9.30 19.33 -14.65
N LEU B 360 -8.63 20.21 -13.92
CA LEU B 360 -7.90 21.28 -14.59
C LEU B 360 -6.67 21.75 -13.82
N THR B 361 -5.78 22.43 -14.51
CA THR B 361 -4.64 23.02 -13.87
C THR B 361 -4.47 24.44 -14.41
N VAL B 362 -4.34 25.38 -13.50
CA VAL B 362 -3.98 26.74 -13.85
C VAL B 362 -2.48 26.91 -13.71
N TYR B 363 -1.82 27.21 -14.85
CA TYR B 363 -0.40 27.52 -14.91
C TYR B 363 -0.15 29.02 -15.00
N PHE B 364 0.89 29.49 -14.32
CA PHE B 364 1.27 30.91 -14.37
C PHE B 364 2.38 31.15 -15.36
N THR B 365 1.98 31.48 -16.58
CA THR B 365 2.84 31.43 -17.74
C THR B 365 2.00 31.89 -18.92
N THR B 366 2.63 32.08 -20.07
CA THR B 366 1.92 32.32 -21.32
C THR B 366 2.12 31.15 -22.27
N ASN B 367 2.95 30.19 -21.89
CA ASN B 367 3.22 29.01 -22.72
C ASN B 367 2.10 27.99 -22.54
N THR B 368 1.69 27.31 -23.62
CA THR B 368 0.79 26.18 -23.42
C THR B 368 1.61 24.96 -23.00
N ILE B 369 1.13 24.29 -21.96
CA ILE B 369 1.89 23.25 -21.30
C ILE B 369 1.54 21.90 -21.90
N GLU B 370 2.51 21.29 -22.56
CA GLU B 370 2.30 20.00 -23.25
C GLU B 370 3.27 18.94 -22.78
N ASP B 371 4.20 19.33 -21.91
CA ASP B 371 5.19 18.40 -21.36
C ASP B 371 5.80 18.92 -20.06
N TYR B 372 6.53 18.06 -19.37
CA TYR B 372 7.07 18.35 -18.04
C TYR B 372 8.04 19.54 -18.06
N ASP B 373 8.92 19.54 -19.05
CA ASP B 373 9.88 20.62 -19.18
C ASP B 373 9.21 22.00 -19.09
N ALA B 374 8.10 22.17 -19.80
CA ALA B 374 7.40 23.46 -19.81
C ALA B 374 6.69 23.73 -18.48
N ALA B 375 6.16 22.68 -17.86
CA ALA B 375 5.48 22.82 -16.58
C ALA B 375 6.49 23.22 -15.51
N GLN B 376 7.68 22.63 -15.57
CA GLN B 376 8.76 22.98 -14.65
C GLN B 376 9.06 24.48 -14.71
N ASP B 377 9.02 25.06 -15.90
CA ASP B 377 9.48 26.46 -16.06
C ASP B 377 8.39 27.52 -15.83
N THR B 378 7.20 27.09 -15.40
CA THR B 378 6.11 28.01 -15.04
C THR B 378 6.38 28.61 -13.68
N ASP B 379 5.62 29.64 -13.33
CA ASP B 379 5.99 30.50 -12.22
C ASP B 379 5.52 29.99 -10.87
N GLY B 380 6.35 29.18 -10.23
CA GLY B 380 6.04 28.63 -8.90
C GLY B 380 5.87 29.67 -7.79
N GLU B 381 6.54 30.81 -7.93
CA GLU B 381 6.41 31.88 -6.94
C GLU B 381 5.00 32.51 -7.02
N MSE B 382 4.56 32.84 -8.24
CA MSE B 382 3.18 33.27 -8.47
C MSE B 382 2.20 32.21 -7.96
O MSE B 382 1.21 32.52 -7.28
CB MSE B 382 2.93 33.41 -9.98
CG MSE B 382 3.32 34.71 -10.63
SE MSE B 382 1.77 35.89 -10.80
CE MSE B 382 2.05 36.86 -9.14
N PHE B 383 2.44 30.95 -8.33
CA PHE B 383 1.47 29.94 -7.93
C PHE B 383 1.33 29.87 -6.42
N GLY B 384 2.45 29.97 -5.72
CA GLY B 384 2.45 29.92 -4.27
C GLY B 384 1.61 31.03 -3.66
N LYS B 385 1.84 32.27 -4.10
CA LYS B 385 1.05 33.40 -3.60
C LYS B 385 -0.45 33.19 -3.91
N PHE B 386 -0.76 32.82 -5.14
CA PHE B 386 -2.14 32.49 -5.50
C PHE B 386 -2.72 31.45 -4.52
N PHE B 387 -1.95 30.42 -4.22
CA PHE B 387 -2.47 29.33 -3.40
C PHE B 387 -2.91 29.83 -2.04
N LYS B 388 -2.08 30.67 -1.40
CA LYS B 388 -2.35 31.21 -0.08
C LYS B 388 -3.52 32.21 -0.09
N LEU B 389 -3.62 33.02 -1.13
CA LEU B 389 -4.78 33.90 -1.28
C LEU B 389 -6.07 33.07 -1.45
N MSE B 390 -6.00 31.94 -2.15
CA MSE B 390 -7.21 31.15 -2.31
C MSE B 390 -7.71 30.56 -0.98
O MSE B 390 -8.91 30.50 -0.74
CB MSE B 390 -7.02 30.06 -3.37
CG MSE B 390 -6.98 30.61 -4.78
SE MSE B 390 -8.66 31.46 -5.29
CE MSE B 390 -9.64 29.85 -5.75
N LEU B 391 -6.78 30.15 -0.12
CA LEU B 391 -7.13 29.68 1.23
C LEU B 391 -7.91 30.73 1.98
N GLN B 392 -7.48 31.97 1.83
CA GLN B 392 -8.08 33.11 2.51
C GLN B 392 -9.50 33.32 2.03
N GLU B 393 -9.77 32.81 0.83
CA GLU B 393 -11.06 32.94 0.18
C GLU B 393 -11.96 31.74 0.47
N GLY B 394 -11.45 30.81 1.26
CA GLY B 394 -12.21 29.61 1.58
C GLY B 394 -12.25 28.61 0.43
N VAL B 395 -11.16 28.50 -0.31
CA VAL B 395 -11.05 27.50 -1.37
C VAL B 395 -9.76 26.69 -1.19
N ASN B 396 -9.91 25.37 -1.03
CA ASN B 396 -8.78 24.52 -0.79
C ASN B 396 -8.30 23.87 -2.08
N LEU B 397 -7.08 24.23 -2.48
CA LEU B 397 -6.40 23.62 -3.63
C LEU B 397 -5.27 22.71 -3.18
N ALA B 398 -4.67 21.98 -4.11
CA ALA B 398 -3.42 21.26 -3.83
C ALA B 398 -2.22 22.22 -3.86
N PRO B 399 -1.34 22.15 -2.85
CA PRO B 399 -0.27 23.15 -2.72
C PRO B 399 0.94 22.89 -3.62
N SER B 400 0.70 22.79 -4.92
CA SER B 400 1.80 22.65 -5.87
C SER B 400 1.35 23.06 -7.27
N LYS B 401 2.24 23.71 -8.01
CA LYS B 401 1.97 24.08 -9.40
C LYS B 401 1.82 22.85 -10.33
N TYR B 402 2.12 21.67 -9.80
CA TYR B 402 2.10 20.45 -10.61
C TYR B 402 0.79 19.67 -10.40
N GLU B 403 -0.10 20.23 -9.58
CA GLU B 403 -1.33 19.56 -9.16
C GLU B 403 -2.55 19.95 -10.00
N ALA B 404 -3.60 19.12 -9.93
CA ALA B 404 -4.88 19.42 -10.58
C ALA B 404 -5.91 19.90 -9.57
N TRP B 405 -6.89 20.65 -10.07
CA TRP B 405 -8.11 20.95 -9.35
C TRP B 405 -9.10 19.88 -9.81
N PHE B 406 -9.72 19.14 -8.88
CA PHE B 406 -10.72 18.13 -9.23
C PHE B 406 -12.12 18.49 -8.76
N LEU B 407 -13.09 18.51 -9.67
CA LEU B 407 -14.49 18.63 -9.27
C LEU B 407 -15.02 17.26 -8.83
N THR B 408 -16.07 17.26 -8.01
CA THR B 408 -16.72 16.02 -7.59
C THR B 408 -18.16 16.10 -8.02
N THR B 409 -18.87 14.98 -7.87
CA THR B 409 -20.28 14.94 -8.16
C THR B 409 -21.07 15.89 -7.29
N GLU B 410 -20.48 16.36 -6.19
CA GLU B 410 -21.22 17.17 -5.23
C GLU B 410 -21.00 18.67 -5.40
N HIS B 411 -20.05 19.06 -6.25
CA HIS B 411 -19.85 20.50 -6.50
C HIS B 411 -21.06 21.05 -7.27
N THR B 412 -21.50 22.26 -6.93
CA THR B 412 -22.68 22.81 -7.59
C THR B 412 -22.30 24.02 -8.44
N LYS B 413 -23.22 24.49 -9.28
CA LYS B 413 -23.00 25.68 -10.08
CA LYS B 413 -22.92 25.66 -10.08
C LYS B 413 -22.61 26.84 -9.18
N GLU B 414 -23.27 26.90 -8.03
CA GLU B 414 -23.04 27.98 -7.11
C GLU B 414 -21.68 27.87 -6.44
N ASP B 415 -21.23 26.64 -6.14
CA ASP B 415 -19.86 26.42 -5.68
C ASP B 415 -18.86 26.96 -6.68
N ILE B 416 -19.11 26.68 -7.95
CA ILE B 416 -18.21 27.10 -9.02
C ILE B 416 -18.22 28.62 -9.14
N GLU B 417 -19.40 29.22 -9.00
CA GLU B 417 -19.54 30.65 -9.18
C GLU B 417 -18.84 31.40 -8.06
N TYR B 418 -18.92 30.87 -6.84
CA TYR B 418 -18.16 31.44 -5.73
C TYR B 418 -16.65 31.31 -5.97
N THR B 419 -16.22 30.14 -6.44
CA THR B 419 -14.83 29.88 -6.78
C THR B 419 -14.28 30.90 -7.76
N ILE B 420 -15.06 31.18 -8.82
CA ILE B 420 -14.69 32.20 -9.79
C ILE B 420 -14.53 33.58 -9.11
N GLU B 421 -15.53 33.98 -8.35
CA GLU B 421 -15.41 35.20 -7.56
C GLU B 421 -14.10 35.23 -6.76
N ALA B 422 -13.82 34.13 -6.05
CA ALA B 422 -12.63 34.06 -5.19
C ALA B 422 -11.34 34.19 -6.00
N VAL B 423 -11.30 33.51 -7.13
CA VAL B 423 -10.16 33.65 -8.03
C VAL B 423 -10.00 35.10 -8.46
N GLY B 424 -11.12 35.77 -8.74
CA GLY B 424 -11.08 37.17 -9.16
C GLY B 424 -10.40 38.04 -8.12
N ARG B 425 -10.76 37.82 -6.87
CA ARG B 425 -10.16 38.56 -5.75
C ARG B 425 -8.71 38.16 -5.53
N ALA B 426 -8.41 36.87 -5.72
CA ALA B 426 -7.03 36.42 -5.62
C ALA B 426 -6.15 37.12 -6.66
N PHE B 427 -6.64 37.17 -7.90
CA PHE B 427 -5.87 37.72 -9.02
C PHE B 427 -5.68 39.22 -8.83
N ALA B 428 -6.71 39.88 -8.32
CA ALA B 428 -6.61 41.31 -8.03
C ALA B 428 -5.47 41.58 -7.07
N ALA B 429 -5.33 40.74 -6.06
CA ALA B 429 -4.30 40.94 -5.05
C ALA B 429 -2.92 40.72 -5.67
N LEU B 430 -2.78 39.71 -6.50
CA LEU B 430 -1.52 39.49 -7.21
C LEU B 430 -1.16 40.73 -8.03
N ALA B 431 -2.16 41.26 -8.75
CA ALA B 431 -1.95 42.46 -9.58
C ALA B 431 -1.44 43.64 -8.75
N ASP B 432 -1.95 43.78 -7.53
CA ASP B 432 -1.61 44.92 -6.69
C ASP B 432 -0.29 44.77 -5.94
N ASN B 433 0.38 43.63 -6.08
CA ASN B 433 1.66 43.44 -5.39
C ASN B 433 2.87 43.48 -6.29
N LYS B 434 2.67 43.14 -7.56
CA LYS B 434 3.69 43.32 -8.59
C LYS B 434 3.11 43.22 -10.00
#